data_3GG0
#
_entry.id   3GG0
#
_cell.length_a   69.020
_cell.length_b   96.890
_cell.length_c   126.870
_cell.angle_alpha   90.00
_cell.angle_beta   90.00
_cell.angle_gamma   90.00
#
_symmetry.space_group_name_H-M   'P 21 21 21'
#
loop_
_entity.id
_entity.type
_entity.pdbx_description
1 polymer 'Klebsiella pneumoniae BlrP1'
2 non-polymer "9,9'-[(2R,3R,3aS,5S,7aR,9R,10R,10aS,12S,14aR)-3,5,10,12-tetrahydroxy-5,12-dioxidooctahydro-2H,7H-difuro[3,2-d:3',2'-j][1,3,7,9,2,8]tetraoxadiphosphacyclododecine-2,9-diyl]bis(2-amino-1,9-dihydro-6H-purin-6-one)"
3 non-polymer 'MANGANESE (II) ION'
4 non-polymer 'FLAVIN MONONUCLEOTIDE'
5 water water
#
_entity_poly.entity_id   1
_entity_poly.type   'polypeptide(L)'
_entity_poly.pdbx_seq_one_letter_code
;ISEFGSSRMLTTLIYRSQVHPDRPPVDLDALVHRASSKNLPLGITGILLFNGLQFFQVLEGTEEALESLFSEIQSDPRHR
DVVELMRDYSAYRRFHGTGMRILDLRLFETDGALEEILRFSTFGVTEPVNDRMFRLLSAFIADGGRYCLPEPLQPSRWMM
MPASGTAAPQHLPGQPCQFALQAIVEPAKKRVSSFEALIRSPTGGSPVEMFAAIAAEDRYRFDLESKAYAFALAGQLPLG
KHQLAINLLPGSLYHHPDAVGWLMDSLLAAGLRPDQVLIEVTETEVITCFDQFRKVLKALRVAGMKLAIDDFGAGYSGLS
LLTRFQPDKIKVDAELVRDIHISGTKQAIVASVVRCCEDLGITVVAEGVETLEEWCWLQSVGIRLFQGFLFSRPCLNGIG
EICWPVARQAMDL
;
_entity_poly.pdbx_strand_id   A,B
#
loop_
_chem_comp.id
_chem_comp.type
_chem_comp.name
_chem_comp.formula
C2E non-polymer 9,9'-[(2R,3R,3aS,5S,7aR,9R,10R,10aS,12S,14aR)-3,5,10,12-tetrahydroxy-5,12-dioxidooctahydro-2H,7H-difuro[3,2-d:3',2'-j][1,3,7,9,2,8]tetraoxadiphosphacyclododecine-2,9-diyl]bis(2-amino-1,9-dihydro-6H-purin-6-one) 'C20 H24 N10 O14 P2'
FMN non-polymer 'FLAVIN MONONUCLEOTIDE' 'C17 H21 N4 O9 P'
MN non-polymer 'MANGANESE (II) ION' 'Mn 2'
#
# COMPACT_ATOMS: atom_id res chain seq x y z
N MET A 9 -22.88 -5.12 -24.60
CA MET A 9 -21.99 -5.20 -23.40
C MET A 9 -22.31 -4.09 -22.40
N LEU A 10 -22.83 -4.47 -21.25
CA LEU A 10 -23.18 -3.51 -20.20
C LEU A 10 -21.94 -3.07 -19.41
N THR A 11 -21.93 -1.81 -19.00
CA THR A 11 -20.76 -1.20 -18.37
C THR A 11 -21.20 -0.25 -17.26
N THR A 12 -20.38 -0.15 -16.22
CA THR A 12 -20.65 0.76 -15.11
C THR A 12 -19.57 1.82 -14.97
N LEU A 13 -19.99 3.08 -14.94
CA LEU A 13 -19.07 4.20 -14.66
C LEU A 13 -19.49 4.93 -13.40
N ILE A 14 -18.51 5.16 -12.52
CA ILE A 14 -18.74 5.92 -11.29
C ILE A 14 -17.68 7.02 -11.15
N TYR A 15 -18.13 8.22 -10.81
CA TYR A 15 -17.22 9.33 -10.52
C TYR A 15 -17.70 10.16 -9.34
N ARG A 16 -16.81 10.97 -8.78
CA ARG A 16 -17.21 12.02 -7.86
C ARG A 16 -16.71 13.38 -8.36
N SER A 17 -17.43 14.44 -8.00
CA SER A 17 -17.06 15.80 -8.38
C SER A 17 -17.47 16.80 -7.32
N GLN A 18 -17.07 18.06 -7.49
CA GLN A 18 -17.40 19.10 -6.51
C GLN A 18 -18.19 20.23 -7.15
N VAL A 19 -19.02 20.90 -6.35
CA VAL A 19 -19.65 22.15 -6.76
C VAL A 19 -18.65 23.31 -6.72
N HIS A 20 -18.93 24.35 -7.49
CA HIS A 20 -18.26 25.63 -7.31
C HIS A 20 -18.89 26.40 -6.14
N PRO A 21 -18.15 26.53 -5.03
CA PRO A 21 -18.72 26.90 -3.74
C PRO A 21 -19.04 28.40 -3.60
N ASP A 22 -18.43 29.22 -4.45
CA ASP A 22 -18.65 30.67 -4.40
C ASP A 22 -19.56 31.14 -5.54
N ARG A 23 -20.14 30.19 -6.26
CA ARG A 23 -21.06 30.49 -7.37
C ARG A 23 -22.50 30.19 -6.96
N PRO A 24 -23.48 30.79 -7.68
CA PRO A 24 -24.91 30.51 -7.42
C PRO A 24 -25.22 29.03 -7.51
N PRO A 25 -26.11 28.53 -6.63
CA PRO A 25 -26.45 27.11 -6.57
C PRO A 25 -27.06 26.61 -7.89
N VAL A 26 -26.70 25.40 -8.28
CA VAL A 26 -27.24 24.78 -9.48
C VAL A 26 -28.63 24.21 -9.20
N ASP A 27 -29.57 24.50 -10.10
CA ASP A 27 -30.91 23.93 -10.03
C ASP A 27 -30.85 22.44 -10.37
N LEU A 28 -30.81 21.60 -9.33
CA LEU A 28 -30.55 20.18 -9.51
C LEU A 28 -31.79 19.39 -9.88
N ASP A 29 -32.96 19.87 -9.44
CA ASP A 29 -34.22 19.27 -9.83
C ASP A 29 -34.38 19.29 -11.34
N ALA A 30 -34.01 20.42 -11.96
CA ALA A 30 -34.02 20.56 -13.40
C ALA A 30 -32.96 19.68 -14.06
N LEU A 31 -31.77 19.65 -13.45
CA LEU A 31 -30.66 18.84 -13.95
C LEU A 31 -31.04 17.37 -13.99
N VAL A 32 -31.60 16.88 -12.90
CA VAL A 32 -31.87 15.46 -12.74
C VAL A 32 -33.01 15.00 -13.63
N HIS A 33 -34.06 15.81 -13.72
CA HIS A 33 -35.20 15.47 -14.58
C HIS A 33 -34.81 15.45 -16.04
N ARG A 34 -34.08 16.49 -16.46
CA ARG A 34 -33.55 16.57 -17.82
C ARG A 34 -32.62 15.39 -18.13
N ALA A 35 -31.85 14.99 -17.12
CA ALA A 35 -30.92 13.86 -17.24
C ALA A 35 -31.66 12.54 -17.38
N SER A 36 -32.66 12.34 -16.52
CA SER A 36 -33.43 11.10 -16.53
C SER A 36 -34.18 10.96 -17.84
N SER A 37 -34.68 12.08 -18.34
CA SER A 37 -35.38 12.12 -19.62
C SER A 37 -34.45 11.76 -20.78
N LYS A 38 -33.19 12.17 -20.67
CA LYS A 38 -32.22 11.93 -21.74
C LYS A 38 -31.58 10.54 -21.64
N ASN A 39 -31.37 10.07 -20.42
CA ASN A 39 -30.64 8.82 -20.17
C ASN A 39 -31.39 7.57 -20.64
N LEU A 40 -32.68 7.50 -20.31
CA LEU A 40 -33.44 6.26 -20.48
C LEU A 40 -33.62 5.79 -21.95
N PRO A 41 -33.94 6.70 -22.89
CA PRO A 41 -34.01 6.29 -24.30
C PRO A 41 -32.68 5.76 -24.80
N LEU A 42 -31.59 6.31 -24.29
CA LEU A 42 -30.24 5.91 -24.70
C LEU A 42 -29.73 4.70 -23.94
N GLY A 43 -30.60 4.07 -23.16
CA GLY A 43 -30.23 2.92 -22.35
C GLY A 43 -29.22 3.25 -21.27
N ILE A 44 -29.35 4.43 -20.67
CA ILE A 44 -28.49 4.83 -19.55
C ILE A 44 -29.32 4.93 -18.28
N THR A 45 -28.83 4.30 -17.21
CA THR A 45 -29.49 4.39 -15.92
C THR A 45 -28.49 4.78 -14.83
N GLY A 46 -29.01 5.05 -13.64
CA GLY A 46 -28.16 5.29 -12.47
C GLY A 46 -28.71 6.33 -11.52
N ILE A 47 -27.87 6.75 -10.58
CA ILE A 47 -28.29 7.68 -9.55
C ILE A 47 -27.28 8.79 -9.31
N LEU A 48 -27.73 9.88 -8.72
CA LEU A 48 -26.87 10.98 -8.33
C LEU A 48 -26.91 11.17 -6.82
N LEU A 49 -25.75 11.36 -6.21
CA LEU A 49 -25.66 11.61 -4.78
C LEU A 49 -25.07 12.98 -4.51
N PHE A 50 -25.80 13.80 -3.75
CA PHE A 50 -25.36 15.14 -3.41
C PHE A 50 -25.29 15.31 -1.90
N ASN A 51 -24.19 15.90 -1.42
CA ASN A 51 -24.00 16.11 0.01
C ASN A 51 -23.84 17.56 0.40
N GLY A 52 -23.98 18.46 -0.58
CA GLY A 52 -23.85 19.89 -0.34
C GLY A 52 -22.63 20.48 -1.04
N LEU A 53 -21.55 19.69 -1.09
CA LEU A 53 -20.30 20.16 -1.69
C LEU A 53 -19.88 19.29 -2.85
N GLN A 54 -20.34 18.04 -2.85
CA GLN A 54 -19.83 17.04 -3.79
C GLN A 54 -20.94 16.23 -4.45
N PHE A 55 -20.71 15.86 -5.70
CA PHE A 55 -21.58 14.92 -6.39
C PHE A 55 -20.97 13.54 -6.41
N PHE A 56 -21.82 12.53 -6.56
CA PHE A 56 -21.39 11.16 -6.73
C PHE A 56 -22.39 10.48 -7.65
N GLN A 57 -21.94 10.09 -8.84
CA GLN A 57 -22.85 9.57 -9.84
C GLN A 57 -22.49 8.17 -10.31
N VAL A 58 -23.51 7.32 -10.41
CA VAL A 58 -23.35 6.01 -11.00
C VAL A 58 -24.05 5.98 -12.35
N LEU A 59 -23.37 5.42 -13.35
CA LEU A 59 -23.91 5.36 -14.69
C LEU A 59 -23.83 3.94 -15.24
N GLU A 60 -24.94 3.47 -15.82
CA GLU A 60 -24.99 2.14 -16.40
C GLU A 60 -25.44 2.24 -17.86
N GLY A 61 -24.78 1.46 -18.72
CA GLY A 61 -25.08 1.47 -20.14
C GLY A 61 -23.93 0.87 -20.91
N THR A 62 -24.02 0.87 -22.23
CA THR A 62 -22.94 0.36 -23.06
C THR A 62 -21.70 1.25 -22.93
N GLU A 63 -20.54 0.68 -23.24
CA GLU A 63 -19.26 1.40 -23.19
C GLU A 63 -19.32 2.68 -24.01
N GLU A 64 -20.01 2.61 -25.14
CA GLU A 64 -20.05 3.71 -26.11
C GLU A 64 -21.00 4.84 -25.66
N ALA A 65 -22.10 4.46 -25.01
CA ALA A 65 -23.07 5.46 -24.52
C ALA A 65 -22.54 6.20 -23.31
N LEU A 66 -21.75 5.51 -22.49
CA LEU A 66 -21.21 6.11 -21.27
C LEU A 66 -20.03 7.02 -21.57
N GLU A 67 -19.22 6.63 -22.54
CA GLU A 67 -18.10 7.44 -22.96
C GLU A 67 -18.57 8.80 -23.47
N SER A 68 -19.55 8.77 -24.37
CA SER A 68 -20.09 9.98 -24.97
C SER A 68 -20.77 10.90 -23.95
N LEU A 69 -21.39 10.29 -22.94
CA LEU A 69 -22.07 11.03 -21.88
C LEU A 69 -21.07 11.66 -20.91
N PHE A 70 -20.03 10.90 -20.58
CA PHE A 70 -19.04 11.32 -19.60
C PHE A 70 -18.16 12.47 -20.11
N SER A 71 -17.99 12.54 -21.42
CA SER A 71 -17.26 13.65 -22.05
C SER A 71 -18.03 14.95 -21.85
N GLU A 72 -19.34 14.88 -22.05
CA GLU A 72 -20.22 16.01 -21.77
C GLU A 72 -20.20 16.38 -20.30
N ILE A 73 -20.25 15.36 -19.44
CA ILE A 73 -20.23 15.57 -17.99
C ILE A 73 -18.91 16.16 -17.50
N GLN A 74 -17.80 15.68 -18.07
CA GLN A 74 -16.47 16.19 -17.74
C GLN A 74 -16.34 17.69 -18.01
N SER A 75 -16.91 18.14 -19.11
CA SER A 75 -16.74 19.52 -19.57
C SER A 75 -17.85 20.46 -19.07
N ASP A 76 -18.73 19.92 -18.23
CA ASP A 76 -19.82 20.71 -17.66
C ASP A 76 -19.30 21.66 -16.58
N PRO A 77 -19.48 22.97 -16.79
CA PRO A 77 -19.00 24.04 -15.89
C PRO A 77 -19.69 24.04 -14.53
N ARG A 78 -20.80 23.32 -14.42
CA ARG A 78 -21.59 23.32 -13.18
C ARG A 78 -20.92 22.52 -12.05
N HIS A 79 -19.90 21.75 -12.39
CA HIS A 79 -19.03 21.16 -11.39
C HIS A 79 -17.57 21.13 -11.82
N ARG A 80 -16.69 20.75 -10.89
CA ARG A 80 -15.25 20.65 -11.16
C ARG A 80 -14.65 19.45 -10.46
N ASP A 81 -13.37 19.18 -10.74
CA ASP A 81 -12.61 18.10 -10.08
C ASP A 81 -13.27 16.74 -10.26
N VAL A 82 -13.62 16.42 -11.51
CA VAL A 82 -14.24 15.14 -11.84
C VAL A 82 -13.22 14.00 -11.74
N VAL A 83 -13.46 13.09 -10.79
CA VAL A 83 -12.53 12.01 -10.50
C VAL A 83 -13.21 10.66 -10.68
N GLU A 84 -12.75 9.90 -11.67
CA GLU A 84 -13.32 8.59 -11.96
C GLU A 84 -12.89 7.58 -10.91
N LEU A 85 -13.83 6.77 -10.43
CA LEU A 85 -13.56 5.80 -9.36
C LEU A 85 -13.63 4.38 -9.88
N MET A 86 -14.51 4.15 -10.85
CA MET A 86 -14.74 2.83 -11.39
C MET A 86 -15.20 2.89 -12.83
N ARG A 87 -14.53 2.15 -13.70
CA ARG A 87 -15.03 1.88 -15.04
C ARG A 87 -14.83 0.39 -15.33
N ASP A 88 -15.92 -0.34 -15.43
CA ASP A 88 -15.86 -1.79 -15.57
C ASP A 88 -17.09 -2.37 -16.25
N TYR A 89 -16.92 -3.56 -16.82
CA TYR A 89 -18.02 -4.32 -17.38
C TYR A 89 -18.94 -4.82 -16.27
N SER A 90 -20.22 -4.99 -16.59
CA SER A 90 -21.22 -5.31 -15.58
C SER A 90 -22.09 -6.50 -15.98
N ALA A 91 -22.56 -7.24 -14.98
CA ALA A 91 -23.38 -8.41 -15.20
C ALA A 91 -24.85 -8.04 -15.36
N TYR A 92 -25.30 -7.02 -14.60
CA TYR A 92 -26.71 -6.61 -14.62
C TYR A 92 -26.85 -5.14 -14.23
N ARG A 93 -27.98 -4.54 -14.63
CA ARG A 93 -28.31 -3.18 -14.21
C ARG A 93 -28.75 -3.15 -12.76
N ARG A 94 -28.13 -2.27 -11.98
CA ARG A 94 -28.48 -2.11 -10.58
C ARG A 94 -29.59 -1.10 -10.41
N PHE A 95 -29.84 -0.30 -11.44
CA PHE A 95 -30.86 0.74 -11.37
C PHE A 95 -31.79 0.70 -12.56
N HIS A 96 -32.29 -0.50 -12.85
CA HIS A 96 -33.24 -0.72 -13.93
C HIS A 96 -34.49 0.14 -13.75
N GLY A 97 -34.80 0.97 -14.75
CA GLY A 97 -35.99 1.81 -14.71
C GLY A 97 -35.72 3.20 -14.16
N THR A 98 -34.45 3.47 -13.85
CA THR A 98 -34.07 4.74 -13.27
C THR A 98 -33.05 5.45 -14.16
N GLY A 99 -33.54 6.26 -15.10
CA GLY A 99 -32.67 7.07 -15.95
C GLY A 99 -31.69 7.89 -15.14
N MET A 100 -32.23 8.71 -14.24
CA MET A 100 -31.42 9.41 -13.25
C MET A 100 -32.31 9.80 -12.07
N ARG A 101 -31.70 9.85 -10.89
CA ARG A 101 -32.43 10.14 -9.67
C ARG A 101 -31.46 10.60 -8.61
N ILE A 102 -31.71 11.77 -8.04
CA ILE A 102 -30.82 12.33 -7.06
C ILE A 102 -31.20 11.90 -5.65
N LEU A 103 -30.18 11.70 -4.82
CA LEU A 103 -30.38 11.64 -3.39
C LEU A 103 -29.56 12.72 -2.70
N ASP A 104 -30.26 13.68 -2.12
CA ASP A 104 -29.62 14.65 -1.24
C ASP A 104 -29.45 14.01 0.14
N LEU A 105 -28.20 13.74 0.50
CA LEU A 105 -27.88 13.02 1.74
C LEU A 105 -28.18 13.85 2.97
N ARG A 106 -28.25 15.17 2.80
CA ARG A 106 -28.57 16.08 3.89
C ARG A 106 -30.03 15.96 4.31
N LEU A 107 -30.87 15.45 3.41
CA LEU A 107 -32.29 15.24 3.69
C LEU A 107 -32.52 13.88 4.37
N PHE A 108 -31.43 13.15 4.63
CA PHE A 108 -31.54 11.79 5.12
C PHE A 108 -30.97 11.59 6.51
N GLU A 109 -31.65 10.75 7.29
CA GLU A 109 -31.11 10.27 8.57
C GLU A 109 -30.01 9.23 8.33
N THR A 110 -29.40 8.77 9.40
CA THR A 110 -28.33 7.77 9.30
C THR A 110 -28.83 6.46 8.67
N ASP A 111 -28.03 5.92 7.75
CA ASP A 111 -28.39 4.69 6.98
C ASP A 111 -29.55 4.89 6.00
N GLY A 112 -30.31 5.98 6.17
CA GLY A 112 -31.55 6.18 5.44
C GLY A 112 -31.38 6.22 3.93
N ALA A 113 -30.35 6.92 3.47
CA ALA A 113 -30.08 7.07 2.05
C ALA A 113 -29.82 5.73 1.38
N LEU A 114 -29.00 4.92 2.04
CA LEU A 114 -28.67 3.58 1.57
C LEU A 114 -29.91 2.68 1.51
N GLU A 115 -30.80 2.84 2.48
CA GLU A 115 -32.00 2.03 2.55
C GLU A 115 -33.03 2.46 1.50
N GLU A 116 -33.01 3.74 1.13
CA GLU A 116 -33.81 4.21 0.00
C GLU A 116 -33.26 3.68 -1.31
N ILE A 117 -31.93 3.82 -1.50
CA ILE A 117 -31.23 3.20 -2.65
C ILE A 117 -31.73 1.77 -2.87
N LEU A 118 -31.70 0.99 -1.80
CA LEU A 118 -31.95 -0.44 -1.86
C LEU A 118 -33.40 -0.78 -2.24
N ARG A 119 -34.29 0.19 -2.09
CA ARG A 119 -35.72 -0.05 -2.32
C ARG A 119 -36.16 0.17 -3.79
N PHE A 120 -35.42 1.00 -4.53
CA PHE A 120 -35.72 1.19 -5.94
C PHE A 120 -34.67 0.56 -6.85
N SER A 121 -33.55 0.15 -6.26
CA SER A 121 -32.48 -0.50 -7.01
C SER A 121 -32.82 -1.95 -7.35
N THR A 122 -32.14 -2.48 -8.36
CA THR A 122 -32.42 -3.84 -8.85
C THR A 122 -31.15 -4.69 -8.82
N PRO A 128 -25.95 -8.16 -0.31
CA PRO A 128 -25.90 -6.89 -1.04
C PRO A 128 -24.61 -6.13 -0.77
N VAL A 129 -23.86 -6.58 0.24
CA VAL A 129 -22.68 -5.86 0.73
C VAL A 129 -21.39 -6.37 0.06
N ASN A 130 -21.57 -7.28 -0.92
CA ASN A 130 -20.44 -7.85 -1.64
C ASN A 130 -20.18 -7.16 -3.00
N ASP A 131 -20.96 -6.11 -3.27
CA ASP A 131 -20.89 -5.41 -4.57
C ASP A 131 -19.95 -4.21 -4.48
N ARG A 132 -19.17 -4.01 -5.54
CA ARG A 132 -18.18 -2.92 -5.55
C ARG A 132 -18.82 -1.56 -5.73
N MET A 133 -19.94 -1.52 -6.45
CA MET A 133 -20.72 -0.30 -6.60
C MET A 133 -21.36 0.10 -5.27
N PHE A 134 -21.87 -0.90 -4.56
CA PHE A 134 -22.56 -0.66 -3.30
C PHE A 134 -21.61 -0.19 -2.21
N ARG A 135 -20.41 -0.76 -2.19
CA ARG A 135 -19.41 -0.41 -1.17
C ARG A 135 -18.92 1.02 -1.36
N LEU A 136 -18.78 1.44 -2.61
CA LEU A 136 -18.34 2.79 -2.93
C LEU A 136 -19.40 3.82 -2.56
N LEU A 137 -20.66 3.50 -2.84
CA LEU A 137 -21.79 4.32 -2.41
C LEU A 137 -21.73 4.57 -0.92
N SER A 138 -21.64 3.47 -0.15
CA SER A 138 -21.44 3.55 1.29
C SER A 138 -20.27 4.44 1.64
N ALA A 139 -19.14 4.23 0.94
CA ALA A 139 -17.93 4.97 1.19
C ALA A 139 -18.11 6.47 0.96
N PHE A 140 -18.90 6.84 -0.04
CA PHE A 140 -19.21 8.24 -0.28
C PHE A 140 -20.13 8.82 0.79
N ILE A 141 -21.10 8.02 1.24
CA ILE A 141 -22.04 8.46 2.25
C ILE A 141 -21.38 8.58 3.62
N ALA A 142 -20.49 7.65 3.94
CA ALA A 142 -19.81 7.64 5.24
C ALA A 142 -18.75 8.73 5.35
N ASP A 143 -17.96 8.90 4.29
CA ASP A 143 -16.84 9.85 4.30
C ASP A 143 -16.54 10.35 2.89
N GLY A 144 -17.41 11.22 2.37
CA GLY A 144 -17.27 11.71 1.00
C GLY A 144 -16.22 12.79 0.86
N GLY A 145 -16.00 13.57 1.92
CA GLY A 145 -15.12 14.72 1.86
C GLY A 145 -13.65 14.37 1.97
N ARG A 146 -13.34 13.08 1.91
CA ARG A 146 -11.99 12.60 2.16
C ARG A 146 -10.98 13.02 1.09
N TYR A 147 -11.28 12.67 -0.16
CA TYR A 147 -10.43 13.06 -1.29
C TYR A 147 -10.99 14.26 -2.02
N CYS A 148 -11.71 15.10 -1.27
CA CYS A 148 -12.10 16.40 -1.75
C CYS A 148 -10.89 17.32 -1.74
N LEU A 149 -10.64 17.97 -2.88
CA LEU A 149 -9.51 18.88 -3.01
C LEU A 149 -9.81 20.20 -2.31
N PRO A 150 -9.02 20.53 -1.26
CA PRO A 150 -9.23 21.76 -0.50
C PRO A 150 -9.05 23.02 -1.36
N GLU A 151 -9.65 24.13 -0.91
CA GLU A 151 -9.66 25.37 -1.70
C GLU A 151 -8.27 25.97 -1.95
N PRO A 152 -7.37 25.97 -0.93
CA PRO A 152 -6.01 26.46 -1.17
C PRO A 152 -5.25 25.65 -2.24
N LEU A 153 -5.61 24.38 -2.41
CA LEU A 153 -4.87 23.48 -3.29
C LEU A 153 -5.49 23.31 -4.66
N GLN A 154 -6.33 24.27 -5.06
CA GLN A 154 -6.81 24.33 -6.44
C GLN A 154 -5.67 24.79 -7.34
N PRO A 155 -5.53 24.14 -8.52
CA PRO A 155 -4.46 24.48 -9.47
C PRO A 155 -4.57 25.93 -9.96
N SER A 156 -5.80 26.44 -10.04
CA SER A 156 -6.04 27.82 -10.48
C SER A 156 -5.53 28.86 -9.47
N ARG A 157 -5.28 28.41 -8.25
CA ARG A 157 -4.75 29.28 -7.21
C ARG A 157 -3.25 29.08 -7.00
N TRP A 158 -2.57 28.61 -8.03
CA TRP A 158 -1.11 28.46 -8.01
C TRP A 158 -0.47 28.88 -9.32
N MET A 159 0.79 29.31 -9.25
CA MET A 159 1.50 29.83 -10.40
C MET A 159 2.97 29.42 -10.34
N MET A 160 3.43 28.75 -11.39
CA MET A 160 4.84 28.38 -11.49
C MET A 160 5.70 29.58 -11.86
N MET A 161 6.82 29.74 -11.16
CA MET A 161 7.70 30.90 -11.36
C MET A 161 9.15 30.49 -11.56
N PRO A 162 9.77 30.97 -12.68
CA PRO A 162 11.20 30.80 -12.95
C PRO A 162 12.07 31.48 -11.88
N THR A 166 19.39 30.49 -13.11
CA THR A 166 19.90 30.25 -14.46
C THR A 166 20.96 29.15 -14.45
N ALA A 167 20.73 28.12 -15.27
CA ALA A 167 21.60 26.95 -15.33
C ALA A 167 22.93 27.24 -16.01
N ALA A 168 23.96 26.48 -15.64
CA ALA A 168 25.24 26.53 -16.33
C ALA A 168 25.61 25.16 -16.91
N PRO A 169 25.11 24.85 -18.12
CA PRO A 169 25.47 23.59 -18.78
C PRO A 169 26.91 23.63 -19.26
N GLN A 170 27.58 22.47 -19.22
CA GLN A 170 29.01 22.39 -19.48
C GLN A 170 29.37 20.99 -19.95
N HIS A 171 30.17 20.89 -21.00
CA HIS A 171 30.72 19.59 -21.42
C HIS A 171 32.05 19.32 -20.73
N LEU A 172 32.14 18.16 -20.10
CA LEU A 172 33.40 17.72 -19.49
C LEU A 172 34.11 16.71 -20.40
N PRO A 173 35.32 17.06 -20.87
CA PRO A 173 36.08 16.20 -21.76
C PRO A 173 36.90 15.17 -20.99
N GLY A 174 37.56 14.26 -21.71
CA GLY A 174 38.36 13.20 -21.08
C GLY A 174 37.53 12.32 -20.19
N GLN A 175 36.33 11.99 -20.65
CA GLN A 175 35.36 11.24 -19.84
C GLN A 175 34.60 10.22 -20.69
N PRO A 176 34.61 8.96 -20.24
CA PRO A 176 33.89 7.87 -20.90
C PRO A 176 32.39 8.00 -20.74
N CYS A 177 31.96 8.85 -19.79
CA CYS A 177 30.56 9.18 -19.60
C CYS A 177 30.43 10.53 -18.93
N GLN A 178 29.20 11.06 -18.89
CA GLN A 178 28.89 12.20 -18.05
C GLN A 178 27.53 12.05 -17.43
N PHE A 179 27.17 12.99 -16.55
CA PHE A 179 25.90 12.91 -15.86
C PHE A 179 25.14 14.21 -15.93
N ALA A 180 23.82 14.09 -16.03
CA ALA A 180 22.94 15.20 -15.79
C ALA A 180 22.42 15.12 -14.36
N LEU A 181 21.99 16.26 -13.83
CA LEU A 181 21.44 16.29 -12.48
C LEU A 181 20.03 16.83 -12.47
N GLN A 182 19.14 16.11 -11.80
CA GLN A 182 17.79 16.60 -11.57
C GLN A 182 17.53 16.79 -10.09
N ALA A 183 16.98 17.94 -9.75
CA ALA A 183 16.63 18.23 -8.37
C ALA A 183 15.38 17.49 -7.94
N ILE A 184 15.43 16.90 -6.76
CA ILE A 184 14.24 16.54 -6.03
C ILE A 184 13.94 17.68 -5.06
N VAL A 185 12.72 18.22 -5.12
CA VAL A 185 12.41 19.48 -4.42
C VAL A 185 11.35 19.31 -3.34
N GLU A 186 11.41 20.18 -2.33
CA GLU A 186 10.34 20.29 -1.35
C GLU A 186 9.71 21.69 -1.40
N PRO A 187 8.73 21.88 -2.30
CA PRO A 187 8.16 23.20 -2.61
C PRO A 187 7.56 23.93 -1.39
N ALA A 188 7.17 23.18 -0.38
CA ALA A 188 6.63 23.75 0.86
C ALA A 188 7.70 24.55 1.61
N LYS A 189 8.96 24.15 1.47
CA LYS A 189 10.07 24.88 2.08
C LYS A 189 10.97 25.55 1.03
N LYS A 190 10.48 25.59 -0.21
CA LYS A 190 11.26 26.10 -1.37
C LYS A 190 12.70 25.58 -1.35
N ARG A 191 12.85 24.29 -1.06
CA ARG A 191 14.14 23.71 -0.74
C ARG A 191 14.45 22.52 -1.66
N VAL A 192 15.68 22.49 -2.17
CA VAL A 192 16.19 21.30 -2.83
C VAL A 192 16.54 20.26 -1.78
N SER A 193 15.95 19.08 -1.90
CA SER A 193 16.24 17.99 -0.99
C SER A 193 17.49 17.24 -1.43
N SER A 194 17.52 16.87 -2.70
CA SER A 194 18.62 16.09 -3.25
C SER A 194 18.67 16.23 -4.76
N PHE A 195 19.78 15.80 -5.35
CA PHE A 195 19.91 15.75 -6.80
C PHE A 195 20.08 14.30 -7.22
N GLU A 196 19.41 13.92 -8.30
CA GLU A 196 19.64 12.61 -8.90
C GLU A 196 20.59 12.73 -10.08
N ALA A 197 21.64 11.90 -10.06
CA ALA A 197 22.56 11.80 -11.18
C ALA A 197 22.03 10.83 -12.23
N LEU A 198 21.94 11.30 -13.46
CA LEU A 198 21.42 10.49 -14.56
C LEU A 198 22.47 10.40 -15.68
N ILE A 199 22.89 9.18 -15.99
CA ILE A 199 24.01 8.95 -16.91
C ILE A 199 23.72 9.43 -18.34
N ARG A 200 24.70 10.09 -18.94
CA ARG A 200 24.62 10.51 -20.33
C ARG A 200 25.83 10.04 -21.11
N SER A 201 25.64 9.80 -22.41
CA SER A 201 26.73 9.44 -23.32
C SER A 201 27.80 10.55 -23.36
N PRO A 202 28.99 10.23 -23.92
CA PRO A 202 30.02 11.26 -24.10
C PRO A 202 29.50 12.44 -24.93
N THR A 203 28.61 12.17 -25.88
CA THR A 203 28.04 13.22 -26.74
C THR A 203 26.66 13.68 -26.23
N GLY A 204 26.43 13.54 -24.93
CA GLY A 204 25.23 14.10 -24.29
C GLY A 204 23.96 13.31 -24.48
N GLY A 205 24.07 12.08 -24.97
CA GLY A 205 22.91 11.25 -25.30
C GLY A 205 22.36 10.45 -24.13
N SER A 206 21.30 9.69 -24.39
CA SER A 206 20.51 9.04 -23.34
C SER A 206 21.27 7.90 -22.64
N PRO A 207 20.81 7.51 -21.44
CA PRO A 207 21.30 6.30 -20.75
C PRO A 207 21.35 5.07 -21.67
N VAL A 208 20.29 4.88 -22.46
CA VAL A 208 20.25 3.78 -23.43
C VAL A 208 21.39 3.92 -24.44
N GLU A 209 21.58 5.14 -24.95
CA GLU A 209 22.65 5.42 -25.90
C GLU A 209 24.02 5.13 -25.30
N MET A 210 24.18 5.41 -24.01
CA MET A 210 25.43 5.15 -23.31
C MET A 210 25.72 3.66 -23.19
N PHE A 211 24.75 2.91 -22.67
CA PHE A 211 24.96 1.48 -22.40
C PHE A 211 25.02 0.64 -23.68
N ALA A 212 24.42 1.14 -24.75
CA ALA A 212 24.43 0.45 -26.04
C ALA A 212 25.82 0.40 -26.65
N ALA A 213 26.63 1.43 -26.38
CA ALA A 213 28.00 1.50 -26.89
C ALA A 213 28.93 0.57 -26.13
N ILE A 214 28.62 0.32 -24.87
CA ILE A 214 29.41 -0.57 -24.03
C ILE A 214 29.05 -2.03 -24.31
N ALA A 215 30.07 -2.89 -24.42
CA ALA A 215 29.87 -4.33 -24.65
C ALA A 215 28.98 -4.96 -23.58
N ALA A 216 28.06 -5.82 -24.01
CA ALA A 216 26.97 -6.32 -23.16
C ALA A 216 27.46 -6.84 -21.81
N GLU A 217 28.55 -7.59 -21.83
CA GLU A 217 29.07 -8.26 -20.64
C GLU A 217 29.80 -7.30 -19.68
N ASP A 218 30.05 -6.07 -20.14
CA ASP A 218 30.76 -5.08 -19.32
C ASP A 218 29.82 -4.03 -18.76
N ARG A 219 28.53 -4.22 -18.96
CA ARG A 219 27.54 -3.21 -18.60
C ARG A 219 27.36 -3.04 -17.09
N TYR A 220 27.42 -4.15 -16.35
CA TYR A 220 27.41 -4.09 -14.89
C TYR A 220 28.66 -3.38 -14.35
N ARG A 221 29.82 -3.76 -14.87
CA ARG A 221 31.08 -3.10 -14.50
C ARG A 221 31.01 -1.61 -14.79
N PHE A 222 30.65 -1.26 -16.02
CA PHE A 222 30.58 0.14 -16.43
C PHE A 222 29.61 0.95 -15.58
N ASP A 223 28.49 0.34 -15.23
CA ASP A 223 27.46 0.98 -14.40
C ASP A 223 28.04 1.37 -13.04
N LEU A 224 28.80 0.47 -12.43
CA LEU A 224 29.46 0.73 -11.17
C LEU A 224 30.60 1.74 -11.33
N GLU A 225 31.44 1.52 -12.35
CA GLU A 225 32.58 2.41 -12.62
C GLU A 225 32.14 3.86 -12.81
N SER A 226 31.10 4.05 -13.61
CA SER A 226 30.66 5.40 -14.01
C SER A 226 30.26 6.28 -12.83
N LYS A 227 29.89 5.66 -11.72
CA LYS A 227 29.48 6.39 -10.53
C LYS A 227 30.57 7.29 -9.97
N ALA A 228 31.82 6.96 -10.27
CA ALA A 228 32.96 7.77 -9.83
C ALA A 228 32.94 9.17 -10.46
N TYR A 229 32.35 9.28 -11.65
CA TYR A 229 32.29 10.56 -12.36
C TYR A 229 31.11 11.39 -11.89
N ALA A 230 30.12 10.72 -11.33
CA ALA A 230 28.98 11.39 -10.71
C ALA A 230 29.38 11.97 -9.35
N PHE A 231 30.16 11.19 -8.59
CA PHE A 231 30.70 11.66 -7.32
C PHE A 231 31.59 12.87 -7.53
N ALA A 232 32.46 12.81 -8.53
CA ALA A 232 33.32 13.92 -8.90
C ALA A 232 32.49 15.16 -9.24
N LEU A 233 31.38 14.95 -9.94
CA LEU A 233 30.47 16.03 -10.33
C LEU A 233 29.80 16.64 -9.11
N ALA A 234 29.47 15.81 -8.13
CA ALA A 234 28.90 16.27 -6.87
C ALA A 234 29.94 17.02 -6.03
N GLY A 235 31.17 16.54 -6.06
CA GLY A 235 32.25 17.13 -5.29
C GLY A 235 32.59 18.55 -5.74
N GLN A 236 32.54 18.79 -7.04
CA GLN A 236 32.94 20.07 -7.62
C GLN A 236 31.77 21.06 -7.73
N LEU A 237 30.66 20.73 -7.06
CA LEU A 237 29.42 21.49 -7.23
C LEU A 237 29.30 22.75 -6.35
N PRO A 238 29.68 22.66 -5.04
CA PRO A 238 30.24 21.53 -4.31
C PRO A 238 29.21 20.82 -3.41
N LEU A 239 27.93 20.87 -3.80
CA LEU A 239 26.86 20.05 -3.19
C LEU A 239 26.48 20.44 -1.75
N GLY A 240 27.46 20.44 -0.86
CA GLY A 240 27.25 20.90 0.51
C GLY A 240 26.47 19.92 1.36
N LYS A 241 25.21 20.25 1.60
CA LYS A 241 24.40 19.51 2.58
C LYS A 241 23.25 18.73 1.92
N HIS A 242 23.22 18.75 0.58
CA HIS A 242 22.19 18.01 -0.16
C HIS A 242 22.63 16.57 -0.42
N GLN A 243 21.66 15.66 -0.49
CA GLN A 243 21.94 14.27 -0.81
C GLN A 243 22.24 14.09 -2.29
N LEU A 244 23.00 13.05 -2.62
CA LEU A 244 23.16 12.63 -4.00
C LEU A 244 22.47 11.28 -4.23
N ALA A 245 21.70 11.20 -5.31
CA ALA A 245 20.99 9.97 -5.65
C ALA A 245 21.60 9.32 -6.88
N ILE A 246 21.74 8.01 -6.83
CA ILE A 246 22.49 7.29 -7.83
C ILE A 246 21.77 5.99 -8.22
N ASN A 247 21.58 5.77 -9.53
CA ASN A 247 20.93 4.56 -10.04
C ASN A 247 21.94 3.44 -10.28
N LEU A 248 21.82 2.35 -9.56
CA LEU A 248 22.60 1.14 -9.84
C LEU A 248 21.69 -0.05 -10.00
N LEU A 249 21.93 -0.86 -11.03
CA LEU A 249 21.35 -2.19 -11.11
C LEU A 249 21.98 -3.08 -10.04
N PRO A 250 21.17 -3.95 -9.40
CA PRO A 250 21.67 -4.88 -8.39
C PRO A 250 22.87 -5.69 -8.89
N GLY A 251 22.87 -6.06 -10.18
CA GLY A 251 23.95 -6.84 -10.77
C GLY A 251 25.28 -6.12 -10.74
N SER A 252 25.23 -4.78 -10.82
CA SER A 252 26.43 -3.95 -10.72
C SER A 252 26.98 -3.97 -9.31
N LEU A 253 26.11 -4.16 -8.33
CA LEU A 253 26.51 -4.22 -6.95
C LEU A 253 27.11 -5.58 -6.59
N TYR A 254 26.79 -6.60 -7.38
CA TYR A 254 27.38 -7.93 -7.17
C TYR A 254 28.64 -8.13 -8.03
N HIS A 255 29.02 -7.11 -8.79
CA HIS A 255 30.11 -7.25 -9.75
C HIS A 255 31.42 -7.60 -9.05
N HIS A 256 31.94 -6.67 -8.26
CA HIS A 256 33.03 -6.97 -7.35
C HIS A 256 32.46 -7.36 -5.99
N PRO A 257 33.18 -8.22 -5.26
CA PRO A 257 32.85 -8.53 -3.85
C PRO A 257 32.80 -7.28 -2.97
N ASP A 258 33.73 -6.34 -3.19
CA ASP A 258 33.80 -5.12 -2.39
C ASP A 258 33.30 -3.90 -3.17
N ALA A 259 32.20 -4.07 -3.90
CA ALA A 259 31.62 -2.99 -4.69
C ALA A 259 31.19 -1.81 -3.81
N VAL A 260 30.66 -2.13 -2.63
CA VAL A 260 30.26 -1.13 -1.65
C VAL A 260 31.47 -0.37 -1.11
N GLY A 261 32.55 -1.11 -0.83
CA GLY A 261 33.78 -0.52 -0.33
C GLY A 261 34.45 0.41 -1.34
N TRP A 262 34.30 0.06 -2.62
CA TRP A 262 34.81 0.90 -3.70
C TRP A 262 34.01 2.19 -3.83
N LEU A 263 32.69 2.07 -3.77
CA LEU A 263 31.82 3.25 -3.74
C LEU A 263 32.25 4.19 -2.64
N MET A 264 32.38 3.65 -1.43
CA MET A 264 32.88 4.40 -0.27
C MET A 264 34.16 5.16 -0.56
N ASP A 265 35.19 4.42 -0.99
CA ASP A 265 36.47 5.03 -1.31
C ASP A 265 36.34 6.12 -2.39
N SER A 266 35.54 5.83 -3.42
CA SER A 266 35.34 6.77 -4.52
C SER A 266 34.65 8.08 -4.07
N LEU A 267 33.60 7.95 -3.26
CA LEU A 267 32.82 9.13 -2.84
C LEU A 267 33.57 9.99 -1.83
N LEU A 268 34.36 9.34 -0.97
CA LEU A 268 35.17 10.05 0.00
C LEU A 268 36.29 10.83 -0.69
N ALA A 269 36.85 10.25 -1.75
CA ALA A 269 37.88 10.91 -2.54
C ALA A 269 37.31 12.13 -3.29
N ALA A 270 35.99 12.11 -3.50
CA ALA A 270 35.29 13.25 -4.10
C ALA A 270 34.88 14.25 -3.02
N GLY A 271 35.15 13.90 -1.76
CA GLY A 271 34.86 14.79 -0.65
C GLY A 271 33.41 14.75 -0.22
N LEU A 272 32.76 13.62 -0.48
CA LEU A 272 31.37 13.43 -0.08
C LEU A 272 31.30 12.57 1.16
N ARG A 273 30.15 12.62 1.84
CA ARG A 273 29.91 11.77 2.99
C ARG A 273 29.04 10.57 2.59
N PRO A 274 29.15 9.45 3.33
CA PRO A 274 28.36 8.27 2.98
C PRO A 274 26.86 8.52 3.15
N ASP A 275 26.48 9.17 4.24
CA ASP A 275 25.08 9.51 4.53
C ASP A 275 24.52 10.51 3.53
N GLN A 276 25.38 11.00 2.65
CA GLN A 276 25.02 11.99 1.66
C GLN A 276 24.74 11.31 0.32
N VAL A 277 25.17 10.05 0.21
CA VAL A 277 24.99 9.28 -1.01
C VAL A 277 23.85 8.28 -0.85
N LEU A 278 22.96 8.26 -1.84
CA LEU A 278 21.81 7.38 -1.82
C LEU A 278 21.78 6.53 -3.10
N ILE A 279 21.51 5.23 -2.94
CA ILE A 279 21.48 4.30 -4.07
C ILE A 279 20.04 4.00 -4.49
N GLU A 280 19.76 4.20 -5.78
CA GLU A 280 18.44 3.91 -6.34
C GLU A 280 18.45 2.59 -7.09
N VAL A 281 17.68 1.63 -6.60
CA VAL A 281 17.49 0.36 -7.30
C VAL A 281 16.05 0.22 -7.77
N THR A 282 15.86 -0.30 -8.98
CA THR A 282 14.53 -0.47 -9.55
C THR A 282 13.76 -1.61 -8.90
N GLU A 283 12.47 -1.38 -8.65
CA GLU A 283 11.58 -2.32 -7.95
C GLU A 283 11.63 -3.73 -8.54
N THR A 284 11.71 -3.80 -9.86
CA THR A 284 11.63 -5.07 -10.58
C THR A 284 12.89 -5.95 -10.40
N GLU A 285 14.01 -5.32 -10.09
CA GLU A 285 15.29 -6.03 -10.09
C GLU A 285 15.73 -6.48 -8.69
N VAL A 286 15.14 -5.87 -7.67
CA VAL A 286 15.42 -6.25 -6.28
C VAL A 286 14.73 -7.56 -5.94
N ILE A 287 13.52 -7.74 -6.48
CA ILE A 287 12.69 -8.90 -6.18
C ILE A 287 13.20 -10.17 -6.86
N THR A 288 14.22 -10.00 -7.71
CA THR A 288 14.84 -11.13 -8.40
C THR A 288 15.51 -12.08 -7.40
N CYS A 289 16.45 -11.56 -6.62
CA CYS A 289 17.17 -12.38 -5.64
C CYS A 289 17.38 -11.64 -4.33
N PHE A 290 16.68 -12.08 -3.29
CA PHE A 290 16.81 -11.48 -1.96
C PHE A 290 18.05 -12.00 -1.23
N ASP A 291 18.57 -13.13 -1.70
CA ASP A 291 19.70 -13.80 -1.04
C ASP A 291 20.98 -12.97 -1.16
N GLN A 292 21.26 -12.50 -2.37
CA GLN A 292 22.53 -11.81 -2.65
C GLN A 292 22.43 -10.31 -2.40
N PHE A 293 21.22 -9.77 -2.53
CA PHE A 293 20.98 -8.34 -2.32
C PHE A 293 21.10 -7.95 -0.85
N ARG A 294 20.70 -8.85 0.05
CA ARG A 294 20.71 -8.56 1.48
C ARG A 294 22.13 -8.40 2.03
N LYS A 295 23.09 -9.07 1.40
CA LYS A 295 24.50 -8.91 1.77
C LYS A 295 24.99 -7.51 1.39
N VAL A 296 24.52 -7.04 0.23
CA VAL A 296 24.83 -5.69 -0.23
C VAL A 296 24.11 -4.64 0.63
N LEU A 297 22.84 -4.91 0.93
CA LEU A 297 22.06 -4.04 1.82
C LEU A 297 22.77 -3.84 3.16
N LYS A 298 23.22 -4.94 3.76
CA LYS A 298 23.95 -4.89 5.03
C LYS A 298 25.23 -4.05 4.92
N ALA A 299 25.94 -4.20 3.80
CA ALA A 299 27.15 -3.42 3.57
C ALA A 299 26.86 -1.92 3.39
N LEU A 300 25.75 -1.61 2.73
CA LEU A 300 25.33 -0.22 2.52
C LEU A 300 24.90 0.46 3.82
N ARG A 301 24.20 -0.29 4.67
CA ARG A 301 23.76 0.22 5.97
C ARG A 301 24.93 0.47 6.91
N VAL A 302 25.88 -0.47 6.93
CA VAL A 302 27.07 -0.36 7.78
C VAL A 302 27.99 0.79 7.33
N ALA A 303 28.12 0.95 6.01
CA ALA A 303 28.92 2.04 5.45
C ALA A 303 28.27 3.40 5.72
N GLY A 304 26.94 3.44 5.70
CA GLY A 304 26.21 4.67 5.98
C GLY A 304 25.45 5.21 4.78
N MET A 305 25.59 4.54 3.65
CA MET A 305 24.86 4.92 2.44
C MET A 305 23.38 4.56 2.55
N LYS A 306 22.52 5.43 2.02
CA LYS A 306 21.08 5.21 2.08
C LYS A 306 20.57 4.49 0.83
N LEU A 307 19.43 3.81 0.96
CA LEU A 307 18.86 3.05 -0.14
C LEU A 307 17.49 3.59 -0.51
N ALA A 308 17.22 3.68 -1.81
CA ALA A 308 15.89 4.02 -2.30
C ALA A 308 15.40 2.96 -3.26
N ILE A 309 14.10 2.69 -3.23
CA ILE A 309 13.47 1.86 -4.23
C ILE A 309 12.94 2.75 -5.34
N ASP A 310 13.57 2.68 -6.50
CA ASP A 310 13.19 3.50 -7.62
C ASP A 310 12.01 2.91 -8.36
N ASP A 311 11.15 3.77 -8.90
CA ASP A 311 10.00 3.35 -9.72
C ASP A 311 9.07 2.37 -8.99
N PHE A 312 8.78 2.68 -7.73
CA PHE A 312 7.84 1.90 -6.93
C PHE A 312 6.42 2.06 -7.45
N GLY A 313 5.69 0.94 -7.55
CA GLY A 313 4.33 0.94 -8.07
C GLY A 313 4.25 0.53 -9.53
N ALA A 314 5.40 0.49 -10.19
CA ALA A 314 5.47 0.02 -11.57
C ALA A 314 5.56 -1.50 -11.62
N GLY A 315 6.69 -2.04 -11.17
CA GLY A 315 7.01 -3.46 -11.33
C GLY A 315 6.26 -4.39 -10.40
N TYR A 316 4.95 -4.16 -10.25
CA TYR A 316 4.00 -5.15 -9.73
C TYR A 316 4.24 -5.56 -8.26
N SER A 317 5.50 -5.83 -7.91
CA SER A 317 5.86 -6.23 -6.54
C SER A 317 5.94 -5.02 -5.60
N GLY A 318 4.79 -4.62 -5.07
CA GLY A 318 4.68 -3.37 -4.33
C GLY A 318 4.92 -3.47 -2.83
N LEU A 319 3.85 -3.28 -2.05
CA LEU A 319 3.96 -2.86 -0.66
C LEU A 319 4.33 -3.98 0.33
N SER A 320 4.28 -5.23 -0.12
CA SER A 320 4.66 -6.37 0.70
C SER A 320 6.18 -6.53 0.80
N LEU A 321 6.90 -5.84 -0.09
CA LEU A 321 8.37 -5.85 -0.11
C LEU A 321 8.97 -5.34 1.22
N LEU A 322 8.21 -4.49 1.91
CA LEU A 322 8.67 -3.88 3.15
C LEU A 322 8.80 -4.89 4.30
N THR A 323 8.20 -6.06 4.12
CA THR A 323 8.35 -7.17 5.05
C THR A 323 9.79 -7.71 5.01
N ARG A 324 10.41 -7.66 3.83
CA ARG A 324 11.74 -8.21 3.64
C ARG A 324 12.82 -7.23 4.11
N PHE A 325 12.63 -5.95 3.76
CA PHE A 325 13.56 -4.89 4.13
C PHE A 325 12.89 -3.54 3.95
N GLN A 326 13.40 -2.51 4.62
CA GLN A 326 12.88 -1.17 4.45
C GLN A 326 13.92 -0.23 3.89
N PRO A 327 13.61 0.41 2.75
CA PRO A 327 14.49 1.43 2.19
C PRO A 327 14.40 2.72 3.00
N ASP A 328 15.30 3.65 2.71
CA ASP A 328 15.21 4.97 3.27
C ASP A 328 14.21 5.80 2.49
N LYS A 329 14.16 5.58 1.18
CA LYS A 329 13.32 6.36 0.29
C LYS A 329 12.52 5.45 -0.66
N ILE A 330 11.29 5.86 -0.94
CA ILE A 330 10.50 5.22 -1.99
C ILE A 330 10.07 6.25 -3.02
N LYS A 331 10.39 5.98 -4.29
CA LYS A 331 10.03 6.90 -5.38
C LYS A 331 8.85 6.37 -6.16
N VAL A 332 7.70 7.01 -5.97
CA VAL A 332 6.47 6.65 -6.65
C VAL A 332 6.64 6.80 -8.18
N ASP A 333 6.31 5.73 -8.92
CA ASP A 333 6.49 5.70 -10.37
C ASP A 333 5.60 6.71 -11.07
N ALA A 334 6.06 7.20 -12.21
CA ALA A 334 5.37 8.23 -12.98
C ALA A 334 3.95 7.82 -13.43
N GLU A 335 3.75 6.52 -13.60
CA GLU A 335 2.43 6.00 -14.03
C GLU A 335 1.35 6.26 -12.99
N LEU A 336 1.73 6.22 -11.72
CA LEU A 336 0.80 6.55 -10.63
C LEU A 336 0.58 8.07 -10.53
N VAL A 337 1.45 8.85 -11.15
CA VAL A 337 1.34 10.30 -11.11
C VAL A 337 0.54 10.84 -12.30
N ARG A 338 0.80 10.30 -13.48
CA ARG A 338 0.04 10.65 -14.68
C ARG A 338 -1.44 10.60 -14.40
N ASP A 339 -2.10 11.76 -14.55
CA ASP A 339 -3.56 11.85 -14.45
C ASP A 339 -4.09 11.38 -13.11
N ILE A 340 -3.32 11.60 -12.05
CA ILE A 340 -3.75 11.28 -10.69
C ILE A 340 -4.87 12.22 -10.24
N HIS A 341 -5.04 13.31 -10.96
CA HIS A 341 -6.11 14.27 -10.66
C HIS A 341 -7.49 13.81 -11.13
N ILE A 342 -7.51 12.85 -12.06
CA ILE A 342 -8.78 12.33 -12.59
C ILE A 342 -9.00 10.85 -12.29
N SER A 343 -8.02 10.22 -11.65
CA SER A 343 -8.11 8.79 -11.33
C SER A 343 -8.19 8.55 -9.83
N GLY A 344 -9.31 8.00 -9.39
CA GLY A 344 -9.51 7.65 -7.98
C GLY A 344 -8.66 6.48 -7.59
N THR A 345 -8.55 5.50 -8.50
CA THR A 345 -7.63 4.38 -8.35
C THR A 345 -6.23 4.85 -7.95
N LYS A 346 -5.66 5.74 -8.75
CA LYS A 346 -4.30 6.21 -8.54
C LYS A 346 -4.18 7.04 -7.26
N GLN A 347 -5.17 7.87 -6.99
CA GLN A 347 -5.23 8.65 -5.76
C GLN A 347 -5.18 7.76 -4.53
N ALA A 348 -6.03 6.73 -4.52
CA ALA A 348 -6.13 5.81 -3.39
C ALA A 348 -4.81 5.09 -3.13
N ILE A 349 -4.25 4.51 -4.18
CA ILE A 349 -2.98 3.79 -4.09
C ILE A 349 -1.86 4.70 -3.59
N VAL A 350 -1.66 5.83 -4.26
CA VAL A 350 -0.63 6.78 -3.87
C VAL A 350 -0.78 7.22 -2.41
N ALA A 351 -2.01 7.56 -2.01
CA ALA A 351 -2.29 7.97 -0.64
C ALA A 351 -1.98 6.87 0.37
N SER A 352 -2.12 5.62 -0.05
CA SER A 352 -1.80 4.49 0.81
C SER A 352 -0.29 4.22 0.93
N VAL A 353 0.47 4.55 -0.12
CA VAL A 353 1.94 4.52 -0.03
C VAL A 353 2.44 5.61 0.92
N VAL A 354 1.85 6.80 0.81
CA VAL A 354 2.14 7.92 1.70
C VAL A 354 1.97 7.52 3.15
N ARG A 355 0.76 7.08 3.50
CA ARG A 355 0.40 6.81 4.89
C ARG A 355 1.21 5.66 5.48
N CYS A 356 1.50 4.65 4.65
CA CYS A 356 2.34 3.52 5.07
C CYS A 356 3.78 3.95 5.33
N CYS A 357 4.32 4.77 4.44
CA CYS A 357 5.69 5.26 4.57
C CYS A 357 5.87 6.24 5.72
N GLU A 358 4.82 7.00 6.03
CA GLU A 358 4.84 7.93 7.14
C GLU A 358 4.98 7.19 8.48
N ASP A 359 4.26 6.08 8.64
CA ASP A 359 4.32 5.27 9.85
C ASP A 359 5.65 4.51 9.93
N LEU A 360 6.21 4.18 8.78
CA LEU A 360 7.47 3.45 8.73
C LEU A 360 8.68 4.37 8.71
N GLY A 361 8.43 5.67 8.61
CA GLY A 361 9.51 6.65 8.57
C GLY A 361 10.29 6.58 7.26
N ILE A 362 9.59 6.24 6.19
CA ILE A 362 10.21 6.17 4.87
C ILE A 362 9.89 7.43 4.06
N THR A 363 10.93 8.01 3.46
CA THR A 363 10.75 9.17 2.59
C THR A 363 9.99 8.79 1.30
N VAL A 364 9.00 9.59 0.94
CA VAL A 364 8.25 9.40 -0.31
C VAL A 364 8.51 10.53 -1.29
N VAL A 365 8.94 10.17 -2.49
CA VAL A 365 9.05 11.12 -3.60
C VAL A 365 8.10 10.73 -4.73
N ALA A 366 7.40 11.72 -5.28
CA ALA A 366 6.59 11.50 -6.47
C ALA A 366 7.38 11.90 -7.71
N GLU A 367 7.32 11.04 -8.72
CA GLU A 367 8.16 11.20 -9.91
C GLU A 367 7.35 11.61 -11.11
N GLY A 368 8.03 12.22 -12.09
CA GLY A 368 7.42 12.56 -13.36
C GLY A 368 6.30 13.57 -13.24
N VAL A 369 6.38 14.43 -12.22
CA VAL A 369 5.40 15.51 -12.03
C VAL A 369 5.57 16.61 -13.07
N GLU A 370 4.57 16.77 -13.93
CA GLU A 370 4.68 17.66 -15.08
C GLU A 370 3.71 18.84 -15.03
N THR A 371 2.63 18.70 -14.26
CA THR A 371 1.56 19.71 -14.25
C THR A 371 1.20 20.16 -12.85
N LEU A 372 0.70 21.40 -12.77
CA LEU A 372 0.15 21.93 -11.52
C LEU A 372 -0.94 21.02 -10.97
N GLU A 373 -1.81 20.53 -11.86
CA GLU A 373 -2.87 19.62 -11.49
C GLU A 373 -2.32 18.41 -10.73
N GLU A 374 -1.24 17.83 -11.27
CA GLU A 374 -0.57 16.70 -10.63
C GLU A 374 0.00 17.06 -9.25
N TRP A 375 0.71 18.17 -9.17
CA TRP A 375 1.30 18.61 -7.90
C TRP A 375 0.25 18.80 -6.80
N CYS A 376 -0.86 19.45 -7.15
CA CYS A 376 -1.91 19.78 -6.17
C CYS A 376 -2.53 18.56 -5.52
N TRP A 377 -2.93 17.59 -6.34
CA TRP A 377 -3.56 16.37 -5.86
C TRP A 377 -2.59 15.48 -5.10
N LEU A 378 -1.32 15.51 -5.50
CA LEU A 378 -0.27 14.79 -4.79
C LEU A 378 0.00 15.43 -3.44
N GLN A 379 -0.07 16.76 -3.39
CA GLN A 379 0.09 17.51 -2.16
C GLN A 379 -1.09 17.24 -1.21
N SER A 380 -2.27 17.05 -1.80
CA SER A 380 -3.49 16.84 -1.01
C SER A 380 -3.56 15.43 -0.42
N VAL A 381 -2.87 14.46 -1.04
CA VAL A 381 -2.80 13.12 -0.49
C VAL A 381 -1.58 12.94 0.42
N GLY A 382 -0.77 13.98 0.54
CA GLY A 382 0.24 14.07 1.59
C GLY A 382 1.68 13.85 1.16
N ILE A 383 1.97 14.07 -0.11
CA ILE A 383 3.35 13.98 -0.60
C ILE A 383 4.03 15.34 -0.56
N ARG A 384 5.26 15.38 -0.07
CA ARG A 384 5.98 16.64 0.11
C ARG A 384 7.20 16.75 -0.80
N LEU A 385 7.78 15.62 -1.15
CA LEU A 385 8.96 15.61 -2.01
C LEU A 385 8.61 15.27 -3.46
N PHE A 386 9.03 16.13 -4.37
CA PHE A 386 8.61 16.04 -5.76
C PHE A 386 9.79 16.06 -6.74
N GLN A 387 9.68 15.26 -7.79
CA GLN A 387 10.66 15.26 -8.85
C GLN A 387 9.95 15.26 -10.20
N GLY A 388 10.26 16.24 -11.04
CA GLY A 388 9.66 16.29 -12.37
C GLY A 388 9.99 17.51 -13.18
N PHE A 389 9.64 17.46 -14.47
CA PHE A 389 9.94 18.55 -15.41
C PHE A 389 9.25 19.86 -15.03
N LEU A 390 8.16 19.76 -14.26
CA LEU A 390 7.47 20.94 -13.75
C LEU A 390 8.39 21.79 -12.90
N PHE A 391 9.15 21.17 -12.02
CA PHE A 391 10.03 21.89 -11.12
C PHE A 391 11.42 22.09 -11.72
N SER A 392 11.98 21.01 -12.27
CA SER A 392 13.40 20.99 -12.63
C SER A 392 13.70 19.94 -13.68
N ARG A 393 14.36 20.35 -14.75
CA ARG A 393 14.80 19.43 -15.79
C ARG A 393 16.24 19.00 -15.56
N PRO A 394 16.58 17.75 -15.98
CA PRO A 394 17.94 17.27 -16.01
C PRO A 394 18.88 18.27 -16.65
N CYS A 395 20.00 18.54 -15.98
CA CYS A 395 20.96 19.52 -16.46
C CYS A 395 22.34 18.90 -16.57
N LEU A 396 22.85 18.80 -17.79
CA LEU A 396 24.12 18.14 -18.07
C LEU A 396 25.27 18.78 -17.31
N ASN A 397 25.85 18.02 -16.37
CA ASN A 397 27.03 18.44 -15.60
C ASN A 397 26.86 19.73 -14.78
N GLY A 398 25.65 19.95 -14.29
CA GLY A 398 25.37 21.13 -13.48
C GLY A 398 23.98 21.17 -12.89
N ILE A 399 23.75 22.17 -12.03
CA ILE A 399 22.44 22.40 -11.45
C ILE A 399 21.60 23.26 -12.39
N GLY A 400 20.46 22.72 -12.82
CA GLY A 400 19.54 23.44 -13.70
C GLY A 400 18.69 24.44 -12.95
N GLU A 401 17.86 25.18 -13.68
CA GLU A 401 17.00 26.16 -13.04
C GLU A 401 15.79 25.48 -12.40
N ILE A 402 15.30 26.05 -11.32
CA ILE A 402 14.22 25.46 -10.55
C ILE A 402 13.00 26.37 -10.53
N CYS A 403 11.84 25.79 -10.83
CA CYS A 403 10.58 26.53 -10.79
C CYS A 403 9.77 26.15 -9.56
N TRP A 404 9.24 27.15 -8.88
CA TRP A 404 8.48 26.94 -7.66
C TRP A 404 7.02 27.29 -7.88
N PRO A 405 6.10 26.55 -7.24
CA PRO A 405 4.70 26.94 -7.18
C PRO A 405 4.47 28.10 -6.23
N VAL A 406 3.91 29.19 -6.75
CA VAL A 406 3.65 30.38 -5.93
C VAL A 406 2.14 30.62 -5.81
N ALA A 407 1.70 30.91 -4.58
CA ALA A 407 0.26 30.95 -4.27
C ALA A 407 -0.47 32.17 -4.85
N ARG A 408 -1.79 32.04 -4.98
CA ARG A 408 -2.63 33.10 -5.55
C ARG A 408 -3.86 33.35 -4.68
N MET B 9 29.17 -5.02 16.03
CA MET B 9 28.84 -3.89 15.11
C MET B 9 27.56 -3.17 15.55
N LEU B 10 27.43 -1.91 15.15
CA LEU B 10 26.38 -1.04 15.67
C LEU B 10 24.99 -1.39 15.12
N THR B 11 23.99 -1.32 16.01
CA THR B 11 22.62 -1.67 15.66
C THR B 11 21.68 -0.59 16.20
N THR B 12 20.55 -0.40 15.51
CA THR B 12 19.46 0.41 16.02
C THR B 12 18.30 -0.50 16.38
N LEU B 13 17.63 -0.20 17.49
CA LEU B 13 16.42 -0.89 17.83
C LEU B 13 15.40 0.09 18.35
N ILE B 14 14.33 0.27 17.59
CA ILE B 14 13.27 1.19 17.96
C ILE B 14 11.97 0.43 18.20
N TYR B 15 11.30 0.72 19.31
CA TYR B 15 9.99 0.16 19.56
C TYR B 15 9.08 1.21 20.17
N ARG B 16 7.79 0.90 20.21
CA ARG B 16 6.85 1.63 21.04
C ARG B 16 6.10 0.66 21.93
N SER B 17 5.55 1.17 23.03
CA SER B 17 4.73 0.35 23.92
C SER B 17 3.69 1.18 24.62
N GLN B 18 2.86 0.52 25.41
CA GLN B 18 1.73 1.15 26.07
C GLN B 18 1.76 0.78 27.56
N VAL B 19 1.54 1.77 28.42
CA VAL B 19 1.46 1.54 29.86
C VAL B 19 0.10 0.95 30.21
N HIS B 20 0.03 0.28 31.36
CA HIS B 20 -1.26 -0.14 31.92
C HIS B 20 -1.94 1.04 32.59
N PRO B 21 -3.11 1.45 32.05
CA PRO B 21 -3.84 2.61 32.59
C PRO B 21 -4.54 2.28 33.90
N ASP B 22 -4.84 0.99 34.08
CA ASP B 22 -5.44 0.48 35.30
C ASP B 22 -4.50 0.71 36.49
N ARG B 23 -3.24 0.33 36.30
CA ARG B 23 -2.24 0.32 37.38
C ARG B 23 -1.75 1.74 37.71
N PRO B 24 -1.05 1.91 38.86
CA PRO B 24 -0.44 3.19 39.24
C PRO B 24 0.55 3.70 38.18
N PRO B 25 0.65 5.03 38.03
CA PRO B 25 1.61 5.63 37.10
C PRO B 25 3.04 5.18 37.39
N VAL B 26 3.83 4.98 36.33
CA VAL B 26 5.17 4.40 36.45
C VAL B 26 6.17 5.42 37.00
N ASP B 27 6.99 4.98 37.96
CA ASP B 27 8.10 5.79 38.44
C ASP B 27 9.16 5.92 37.34
N LEU B 28 9.10 7.05 36.63
CA LEU B 28 10.01 7.30 35.51
C LEU B 28 11.42 7.64 35.99
N ASP B 29 11.50 8.24 37.18
CA ASP B 29 12.79 8.62 37.76
C ASP B 29 13.63 7.38 38.06
N ALA B 30 13.01 6.38 38.68
CA ALA B 30 13.69 5.13 38.97
C ALA B 30 14.01 4.39 37.69
N LEU B 31 13.06 4.42 36.76
CA LEU B 31 13.24 3.80 35.46
C LEU B 31 14.48 4.32 34.75
N VAL B 32 14.58 5.64 34.64
CA VAL B 32 15.63 6.27 33.82
C VAL B 32 17.02 6.19 34.46
N HIS B 33 17.07 6.20 35.79
CA HIS B 33 18.34 6.10 36.54
C HIS B 33 18.97 4.73 36.39
N ARG B 34 18.17 3.69 36.60
CA ARG B 34 18.66 2.32 36.50
C ARG B 34 18.93 1.90 35.07
N ALA B 35 18.17 2.50 34.14
CA ALA B 35 18.40 2.28 32.72
C ALA B 35 19.75 2.83 32.27
N SER B 36 19.97 4.11 32.52
CA SER B 36 21.18 4.78 32.06
C SER B 36 22.43 4.24 32.77
N SER B 37 22.27 3.76 34.00
CA SER B 37 23.39 3.22 34.77
C SER B 37 23.77 1.83 34.29
N LYS B 38 22.77 1.06 33.88
CA LYS B 38 23.00 -0.28 33.34
C LYS B 38 23.45 -0.21 31.88
N ASN B 39 22.97 0.79 31.16
CA ASN B 39 23.31 0.95 29.75
C ASN B 39 24.74 1.41 29.53
N LEU B 40 25.24 2.22 30.46
CA LEU B 40 26.55 2.88 30.33
C LEU B 40 27.75 1.93 30.16
N PRO B 41 27.86 0.88 31.02
CA PRO B 41 28.97 -0.07 30.86
C PRO B 41 28.81 -0.98 29.64
N LEU B 42 27.58 -1.11 29.14
CA LEU B 42 27.29 -2.04 28.05
C LEU B 42 27.40 -1.39 26.68
N GLY B 43 27.56 -0.07 26.67
CA GLY B 43 27.68 0.68 25.41
C GLY B 43 26.34 0.87 24.72
N ILE B 44 25.31 1.13 25.51
CA ILE B 44 23.98 1.36 24.98
C ILE B 44 23.59 2.81 25.16
N THR B 45 23.30 3.49 24.05
CA THR B 45 22.82 4.85 24.09
C THR B 45 21.41 4.92 23.57
N GLY B 46 20.86 6.12 23.46
CA GLY B 46 19.55 6.32 22.86
C GLY B 46 18.69 7.35 23.56
N ILE B 47 17.37 7.15 23.49
CA ILE B 47 16.41 8.13 24.00
C ILE B 47 15.09 7.46 24.30
N LEU B 48 14.33 8.05 25.23
CA LEU B 48 13.03 7.52 25.59
C LEU B 48 11.99 8.64 25.60
N LEU B 49 10.94 8.46 24.81
CA LEU B 49 9.85 9.43 24.76
C LEU B 49 8.65 8.87 25.50
N PHE B 50 7.86 9.76 26.10
CA PHE B 50 6.69 9.36 26.87
C PHE B 50 5.59 10.40 26.72
N ASN B 51 4.40 9.96 26.35
CA ASN B 51 3.28 10.88 26.15
C ASN B 51 2.21 10.80 27.24
N GLY B 52 2.41 9.91 28.20
CA GLY B 52 1.44 9.70 29.26
C GLY B 52 0.83 8.32 29.21
N LEU B 53 0.60 7.83 28.00
CA LEU B 53 0.04 6.50 27.80
C LEU B 53 1.03 5.57 27.09
N GLN B 54 1.98 6.15 26.37
CA GLN B 54 2.83 5.38 25.48
C GLN B 54 4.29 5.69 25.64
N PHE B 55 5.11 4.64 25.56
CA PHE B 55 6.55 4.79 25.49
C PHE B 55 7.03 4.66 24.06
N PHE B 56 8.18 5.26 23.78
CA PHE B 56 8.85 5.15 22.49
C PHE B 56 10.34 5.26 22.76
N GLN B 57 11.07 4.18 22.51
CA GLN B 57 12.49 4.16 22.83
C GLN B 57 13.36 3.83 21.64
N VAL B 58 14.40 4.64 21.45
CA VAL B 58 15.47 4.31 20.52
C VAL B 58 16.65 3.75 21.32
N LEU B 59 17.18 2.63 20.84
CA LEU B 59 18.33 2.02 21.49
C LEU B 59 19.45 1.81 20.47
N GLU B 60 20.64 2.28 20.81
CA GLU B 60 21.80 2.07 19.96
C GLU B 60 22.88 1.28 20.68
N GLY B 61 23.45 0.30 20.00
CA GLY B 61 24.50 -0.54 20.58
C GLY B 61 24.80 -1.73 19.69
N THR B 62 25.51 -2.70 20.25
CA THR B 62 25.83 -3.92 19.51
C THR B 62 24.59 -4.83 19.39
N GLU B 63 24.60 -5.70 18.39
CA GLU B 63 23.46 -6.57 18.12
C GLU B 63 23.15 -7.46 19.31
N GLU B 64 24.20 -8.01 19.92
CA GLU B 64 24.05 -8.90 21.06
C GLU B 64 23.60 -8.17 22.32
N ALA B 65 24.03 -6.91 22.49
CA ALA B 65 23.61 -6.10 23.63
C ALA B 65 22.13 -5.72 23.55
N LEU B 66 21.71 -5.28 22.37
CA LEU B 66 20.32 -4.87 22.15
C LEU B 66 19.33 -6.03 22.20
N GLU B 67 19.78 -7.22 21.76
CA GLU B 67 18.97 -8.44 21.85
C GLU B 67 18.71 -8.82 23.31
N SER B 68 19.76 -8.80 24.12
CA SER B 68 19.66 -9.14 25.54
C SER B 68 18.77 -8.15 26.28
N LEU B 69 18.89 -6.87 25.95
CA LEU B 69 18.10 -5.82 26.59
C LEU B 69 16.63 -5.93 26.20
N PHE B 70 16.37 -6.18 24.92
CA PHE B 70 15.01 -6.26 24.41
C PHE B 70 14.24 -7.42 25.03
N SER B 71 14.95 -8.51 25.32
CA SER B 71 14.38 -9.64 26.06
C SER B 71 13.79 -9.17 27.38
N GLU B 72 14.61 -8.45 28.15
CA GLU B 72 14.19 -7.94 29.45
C GLU B 72 13.07 -6.89 29.31
N ILE B 73 13.22 -6.00 28.32
CA ILE B 73 12.24 -4.93 28.07
C ILE B 73 10.87 -5.48 27.65
N GLN B 74 10.87 -6.54 26.86
CA GLN B 74 9.62 -7.20 26.46
C GLN B 74 8.97 -7.95 27.62
N SER B 75 9.79 -8.31 28.60
CA SER B 75 9.34 -9.10 29.74
C SER B 75 8.84 -8.19 30.86
N ASP B 76 9.07 -6.89 30.70
CA ASP B 76 8.80 -5.91 31.76
C ASP B 76 7.31 -5.72 32.01
N PRO B 77 6.86 -5.90 33.26
CA PRO B 77 5.45 -5.72 33.65
C PRO B 77 5.01 -4.24 33.72
N ARG B 78 5.95 -3.31 33.62
CA ARG B 78 5.63 -1.89 33.71
C ARG B 78 5.00 -1.35 32.43
N HIS B 79 5.04 -2.15 31.36
CA HIS B 79 4.38 -1.80 30.10
C HIS B 79 3.91 -3.04 29.34
N ARG B 80 3.14 -2.82 28.28
CA ARG B 80 2.61 -3.91 27.48
C ARG B 80 2.56 -3.49 26.01
N ASP B 81 2.12 -4.42 25.16
CA ASP B 81 1.98 -4.16 23.73
C ASP B 81 3.24 -3.56 23.13
N VAL B 82 4.38 -4.20 23.39
CA VAL B 82 5.65 -3.81 22.81
C VAL B 82 5.62 -4.06 21.31
N VAL B 83 5.80 -3.00 20.53
CA VAL B 83 5.71 -3.10 19.08
C VAL B 83 7.03 -2.66 18.45
N GLU B 84 7.72 -3.60 17.81
CA GLU B 84 8.98 -3.32 17.14
C GLU B 84 8.76 -2.53 15.85
N LEU B 85 9.47 -1.42 15.71
CA LEU B 85 9.27 -0.51 14.58
C LEU B 85 10.46 -0.53 13.63
N MET B 86 11.65 -0.59 14.19
CA MET B 86 12.88 -0.56 13.40
C MET B 86 13.97 -1.37 14.07
N ARG B 87 14.65 -2.19 13.26
CA ARG B 87 15.84 -2.90 13.71
C ARG B 87 16.78 -3.10 12.55
N ASP B 88 17.89 -2.38 12.56
CA ASP B 88 18.84 -2.45 11.47
C ASP B 88 20.26 -2.09 11.93
N TYR B 89 21.25 -2.39 11.09
CA TYR B 89 22.62 -2.00 11.37
C TYR B 89 22.81 -0.50 11.16
N SER B 90 23.55 0.13 12.06
CA SER B 90 23.79 1.56 11.97
C SER B 90 25.27 1.86 11.72
N ALA B 91 25.54 3.02 11.12
CA ALA B 91 26.91 3.41 10.77
C ALA B 91 27.52 4.32 11.84
N TYR B 92 26.66 5.05 12.55
CA TYR B 92 27.09 5.99 13.58
C TYR B 92 26.00 6.13 14.62
N ARG B 93 26.40 6.41 15.86
CA ARG B 93 25.44 6.68 16.93
C ARG B 93 24.82 8.05 16.76
N ARG B 94 23.50 8.08 16.63
CA ARG B 94 22.76 9.35 16.60
C ARG B 94 22.75 9.98 17.99
N PHE B 95 22.62 9.15 19.02
CA PHE B 95 22.72 9.59 20.39
C PHE B 95 24.05 9.20 21.00
N HIS B 96 24.88 10.19 21.27
CA HIS B 96 26.28 9.96 21.66
C HIS B 96 26.49 10.08 23.15
N GLY B 97 25.56 10.76 23.82
CA GLY B 97 25.65 10.97 25.27
C GLY B 97 25.57 9.70 26.10
N THR B 98 25.90 9.81 27.37
CA THR B 98 25.91 8.67 28.29
C THR B 98 24.50 8.18 28.64
N GLY B 99 24.27 6.88 28.45
CA GLY B 99 23.14 6.19 29.05
C GLY B 99 21.80 6.39 28.35
N MET B 100 20.89 7.10 29.02
CA MET B 100 19.49 7.10 28.64
C MET B 100 18.81 8.39 29.09
N ARG B 101 18.35 9.17 28.12
CA ARG B 101 17.61 10.39 28.40
C ARG B 101 16.12 10.13 28.26
N ILE B 102 15.32 10.80 29.07
CA ILE B 102 13.87 10.69 28.99
C ILE B 102 13.22 12.03 28.64
N LEU B 103 12.26 11.98 27.73
CA LEU B 103 11.64 13.18 27.20
C LEU B 103 10.12 13.08 27.32
N ASP B 104 9.57 13.63 28.41
CA ASP B 104 8.12 13.66 28.62
C ASP B 104 7.45 14.67 27.69
N LEU B 105 6.68 14.16 26.72
CA LEU B 105 6.13 14.98 25.66
C LEU B 105 4.97 15.88 26.12
N ARG B 106 4.38 15.53 27.26
CA ARG B 106 3.27 16.31 27.83
C ARG B 106 3.70 17.72 28.20
N LEU B 107 5.01 17.91 28.37
CA LEU B 107 5.56 19.18 28.83
C LEU B 107 6.19 19.98 27.69
N PHE B 108 5.73 19.74 26.47
CA PHE B 108 6.22 20.44 25.29
C PHE B 108 5.08 20.83 24.36
N GLU B 109 5.13 22.04 23.84
CA GLU B 109 4.18 22.47 22.83
C GLU B 109 4.72 22.17 21.43
N THR B 110 3.91 22.44 20.41
CA THR B 110 4.23 22.08 19.03
C THR B 110 5.65 22.50 18.64
N ASP B 111 6.38 21.56 18.01
CA ASP B 111 7.76 21.79 17.52
C ASP B 111 8.80 21.77 18.63
N GLY B 112 8.35 21.85 19.88
CA GLY B 112 9.24 21.98 21.03
C GLY B 112 9.98 20.69 21.37
N ALA B 113 9.35 19.56 21.08
CA ALA B 113 9.94 18.26 21.39
C ALA B 113 11.09 17.93 20.44
N LEU B 114 10.92 18.29 19.18
CA LEU B 114 11.96 18.07 18.18
C LEU B 114 13.17 18.95 18.42
N GLU B 115 12.92 20.19 18.84
CA GLU B 115 13.99 21.09 19.31
C GLU B 115 14.87 20.38 20.34
N GLU B 116 14.23 19.88 21.41
CA GLU B 116 14.95 19.22 22.50
C GLU B 116 15.73 18.00 22.02
N ILE B 117 15.13 17.23 21.12
CA ILE B 117 15.79 16.06 20.55
C ILE B 117 17.09 16.44 19.84
N LEU B 118 17.02 17.50 19.02
CA LEU B 118 18.18 17.94 18.24
C LEU B 118 19.33 18.47 19.09
N ARG B 119 19.07 18.68 20.38
CA ARG B 119 20.12 19.06 21.31
C ARG B 119 21.06 17.91 21.65
N PHE B 120 20.55 16.68 21.56
CA PHE B 120 21.32 15.50 21.99
C PHE B 120 21.70 14.60 20.83
N SER B 121 21.65 15.12 19.61
CA SER B 121 21.74 14.26 18.44
C SER B 121 22.30 14.98 17.20
N THR B 122 23.04 14.22 16.40
CA THR B 122 23.40 14.64 15.05
C THR B 122 22.86 13.63 14.06
N PHE B 123 22.50 14.09 12.88
CA PHE B 123 22.02 13.20 11.83
C PHE B 123 22.78 13.40 10.53
N GLY B 124 24.12 13.35 10.64
CA GLY B 124 25.00 13.49 9.48
C GLY B 124 25.11 14.91 8.98
N VAL B 125 25.62 15.06 7.76
CA VAL B 125 25.76 16.38 7.13
C VAL B 125 24.43 16.91 6.62
N THR B 126 23.52 16.00 6.29
CA THR B 126 22.24 16.36 5.70
C THR B 126 21.19 16.69 6.77
N GLU B 127 20.06 17.23 6.33
CA GLU B 127 18.96 17.56 7.23
C GLU B 127 18.51 16.32 8.00
N PRO B 128 18.32 16.46 9.33
CA PRO B 128 17.82 15.39 10.21
C PRO B 128 16.59 14.65 9.66
N VAL B 129 15.74 15.37 8.93
CA VAL B 129 14.51 14.80 8.37
C VAL B 129 14.80 13.71 7.30
N ASN B 130 16.05 13.63 6.86
CA ASN B 130 16.46 12.57 5.93
C ASN B 130 16.83 11.27 6.62
N ASP B 131 16.74 11.23 7.94
CA ASP B 131 17.07 10.03 8.71
C ASP B 131 15.82 9.32 9.24
N ARG B 132 15.76 8.01 9.03
CA ARG B 132 14.60 7.19 9.38
C ARG B 132 14.24 7.25 10.87
N MET B 133 15.27 7.24 11.70
CA MET B 133 15.10 7.36 13.15
C MET B 133 14.40 8.68 13.52
N PHE B 134 14.85 9.77 12.92
CA PHE B 134 14.28 11.09 13.20
C PHE B 134 12.84 11.20 12.70
N ARG B 135 12.55 10.53 11.58
CA ARG B 135 11.20 10.50 11.04
C ARG B 135 10.24 9.71 11.93
N LEU B 136 10.72 8.59 12.47
CA LEU B 136 9.93 7.80 13.40
C LEU B 136 9.71 8.54 14.71
N LEU B 137 10.72 9.31 15.12
CA LEU B 137 10.59 10.17 16.30
C LEU B 137 9.54 11.25 16.07
N SER B 138 9.64 11.92 14.92
CA SER B 138 8.67 12.96 14.54
C SER B 138 7.25 12.40 14.46
N ALA B 139 7.13 11.19 13.91
CA ALA B 139 5.82 10.55 13.76
C ALA B 139 5.18 10.23 15.11
N PHE B 140 5.99 9.83 16.08
CA PHE B 140 5.49 9.55 17.44
C PHE B 140 5.02 10.83 18.13
N ILE B 141 5.82 11.89 18.01
CA ILE B 141 5.49 13.17 18.60
C ILE B 141 4.21 13.73 17.99
N ALA B 142 4.10 13.63 16.65
CA ALA B 142 2.91 14.08 15.94
C ALA B 142 1.66 13.29 16.33
N ASP B 143 1.71 11.97 16.17
CA ASP B 143 0.57 11.12 16.50
C ASP B 143 1.02 9.73 16.93
N GLY B 144 1.45 9.61 18.19
CA GLY B 144 1.86 8.34 18.74
C GLY B 144 0.69 7.42 19.03
N GLY B 145 -0.47 8.01 19.31
CA GLY B 145 -1.65 7.24 19.67
C GLY B 145 -2.32 6.54 18.50
N ARG B 146 -1.73 6.67 17.31
CA ARG B 146 -2.34 6.14 16.09
C ARG B 146 -2.48 4.61 16.11
N TYR B 147 -1.37 3.92 16.37
CA TYR B 147 -1.40 2.46 16.47
C TYR B 147 -1.40 2.00 17.92
N CYS B 148 -1.90 2.87 18.79
CA CYS B 148 -2.20 2.49 20.15
C CYS B 148 -3.46 1.64 20.19
N LEU B 149 -3.34 0.43 20.74
CA LEU B 149 -4.47 -0.49 20.79
C LEU B 149 -5.49 -0.05 21.83
N PRO B 150 -6.75 0.17 21.41
CA PRO B 150 -7.82 0.68 22.27
C PRO B 150 -8.13 -0.28 23.42
N GLU B 151 -8.81 0.24 24.44
CA GLU B 151 -9.16 -0.56 25.62
C GLU B 151 -10.12 -1.73 25.34
N PRO B 152 -11.21 -1.49 24.56
CA PRO B 152 -12.16 -2.57 24.31
C PRO B 152 -11.57 -3.69 23.46
N LEU B 153 -10.40 -3.45 22.85
CA LEU B 153 -9.78 -4.44 21.97
C LEU B 153 -8.53 -5.07 22.58
N GLN B 154 -8.41 -5.01 23.90
CA GLN B 154 -7.37 -5.76 24.61
C GLN B 154 -7.74 -7.24 24.67
N PRO B 155 -6.78 -8.12 24.32
CA PRO B 155 -7.00 -9.58 24.30
C PRO B 155 -7.55 -10.14 25.62
N SER B 156 -7.11 -9.58 26.74
CA SER B 156 -7.53 -10.05 28.07
C SER B 156 -9.00 -9.74 28.36
N ARG B 157 -9.61 -8.90 27.53
CA ARG B 157 -11.01 -8.54 27.69
C ARG B 157 -11.90 -9.42 26.81
N TRP B 158 -11.31 -10.44 26.19
CA TRP B 158 -12.04 -11.35 25.31
C TRP B 158 -11.67 -12.80 25.59
N MET B 159 -12.57 -13.72 25.24
CA MET B 159 -12.25 -15.14 25.20
C MET B 159 -13.07 -15.88 24.14
N MET B 160 -12.61 -17.07 23.75
CA MET B 160 -13.26 -17.83 22.68
C MET B 160 -14.35 -18.77 23.20
N MET B 161 -15.50 -18.73 22.55
CA MET B 161 -16.65 -19.55 22.95
C MET B 161 -17.23 -20.30 21.74
N ALA B 168 -18.36 -33.86 12.44
CA ALA B 168 -19.51 -34.75 12.28
C ALA B 168 -19.71 -35.27 10.84
N PRO B 169 -19.58 -34.40 9.81
CA PRO B 169 -19.75 -34.88 8.44
C PRO B 169 -18.56 -35.73 7.97
N GLN B 170 -18.80 -36.65 7.04
CA GLN B 170 -17.89 -37.78 6.79
C GLN B 170 -17.08 -37.62 5.51
N HIS B 171 -16.28 -38.64 5.21
CA HIS B 171 -15.50 -38.70 3.97
C HIS B 171 -16.41 -39.11 2.81
N LEU B 172 -15.94 -38.87 1.59
CA LEU B 172 -16.56 -39.43 0.39
C LEU B 172 -15.48 -39.99 -0.54
N PRO B 173 -14.88 -41.13 -0.15
CA PRO B 173 -13.71 -41.68 -0.84
C PRO B 173 -14.02 -42.16 -2.25
N GLY B 174 -15.27 -42.48 -2.52
CA GLY B 174 -15.68 -42.99 -3.84
C GLY B 174 -15.69 -41.92 -4.92
N GLN B 175 -15.58 -40.67 -4.51
CA GLN B 175 -15.46 -39.55 -5.45
C GLN B 175 -14.00 -39.36 -5.83
N PRO B 176 -13.75 -38.72 -7.00
CA PRO B 176 -12.39 -38.41 -7.42
C PRO B 176 -11.72 -37.44 -6.45
N CYS B 177 -12.52 -36.56 -5.86
CA CYS B 177 -12.04 -35.56 -4.91
C CYS B 177 -13.18 -35.08 -4.04
N GLN B 178 -12.85 -34.63 -2.84
CA GLN B 178 -13.84 -34.02 -1.98
C GLN B 178 -13.37 -32.63 -1.54
N PHE B 179 -14.22 -31.93 -0.82
CA PHE B 179 -13.90 -30.58 -0.40
C PHE B 179 -14.16 -30.37 1.09
N ALA B 180 -13.25 -29.65 1.74
CA ALA B 180 -13.49 -29.14 3.07
C ALA B 180 -13.98 -27.71 3.00
N LEU B 181 -14.92 -27.35 3.87
CA LEU B 181 -15.42 -25.98 3.94
C LEU B 181 -14.89 -25.23 5.15
N GLN B 182 -14.46 -23.99 4.95
CA GLN B 182 -14.07 -23.12 6.05
C GLN B 182 -14.82 -21.80 6.02
N ALA B 183 -15.39 -21.41 7.16
CA ALA B 183 -16.21 -20.21 7.26
C ALA B 183 -15.34 -18.95 7.27
N ILE B 184 -15.71 -18.00 6.42
CA ILE B 184 -15.24 -16.64 6.57
C ILE B 184 -16.26 -15.84 7.38
N VAL B 185 -15.82 -15.31 8.52
CA VAL B 185 -16.75 -14.81 9.53
C VAL B 185 -16.65 -13.31 9.76
N GLU B 186 -17.72 -12.74 10.33
CA GLU B 186 -17.73 -11.35 10.79
C GLU B 186 -18.17 -11.32 12.25
N PRO B 187 -17.19 -11.34 13.18
CA PRO B 187 -17.44 -11.43 14.63
C PRO B 187 -18.37 -10.35 15.18
N ALA B 188 -18.26 -9.12 14.65
CA ALA B 188 -19.03 -7.99 15.15
C ALA B 188 -20.53 -8.20 15.03
N LYS B 189 -20.97 -8.78 13.91
CA LYS B 189 -22.37 -9.08 13.68
C LYS B 189 -22.67 -10.57 13.85
N LYS B 190 -21.71 -11.29 14.45
CA LYS B 190 -21.82 -12.74 14.67
C LYS B 190 -22.40 -13.47 13.44
N ARG B 191 -21.78 -13.24 12.28
CA ARG B 191 -22.34 -13.62 10.98
C ARG B 191 -21.30 -14.31 10.11
N VAL B 192 -21.69 -15.43 9.48
CA VAL B 192 -20.84 -16.11 8.50
C VAL B 192 -20.96 -15.44 7.13
N SER B 193 -19.90 -14.77 6.70
CA SER B 193 -19.91 -14.03 5.45
C SER B 193 -19.89 -14.94 4.22
N SER B 194 -18.97 -15.91 4.22
CA SER B 194 -18.87 -16.88 3.13
C SER B 194 -18.22 -18.20 3.55
N PHE B 195 -18.19 -19.17 2.64
CA PHE B 195 -17.48 -20.42 2.83
C PHE B 195 -16.47 -20.61 1.71
N GLU B 196 -15.25 -20.98 2.06
CA GLU B 196 -14.26 -21.34 1.06
C GLU B 196 -14.19 -22.85 0.89
N ALA B 197 -14.13 -23.29 -0.36
CA ALA B 197 -14.02 -24.71 -0.66
C ALA B 197 -12.55 -25.10 -0.86
N LEU B 198 -12.04 -25.97 0.00
CA LEU B 198 -10.67 -26.44 -0.08
C LEU B 198 -10.62 -27.90 -0.50
N ILE B 199 -9.97 -28.17 -1.63
CA ILE B 199 -9.95 -29.51 -2.21
C ILE B 199 -9.25 -30.51 -1.31
N ARG B 200 -9.77 -31.73 -1.30
CA ARG B 200 -9.18 -32.82 -0.55
C ARG B 200 -9.11 -34.07 -1.42
N SER B 201 -8.06 -34.86 -1.23
CA SER B 201 -7.89 -36.11 -1.96
C SER B 201 -8.93 -37.14 -1.47
N PRO B 202 -9.13 -38.22 -2.25
CA PRO B 202 -10.05 -39.31 -1.86
C PRO B 202 -9.79 -39.86 -0.46
N THR B 203 -8.55 -39.77 0.01
CA THR B 203 -8.19 -40.28 1.34
C THR B 203 -8.27 -39.21 2.44
N GLY B 204 -8.64 -37.99 2.04
CA GLY B 204 -8.80 -36.88 2.99
C GLY B 204 -7.58 -35.98 3.08
N GLY B 205 -6.57 -36.29 2.26
CA GLY B 205 -5.29 -35.58 2.31
C GLY B 205 -5.34 -34.22 1.63
N SER B 206 -4.23 -33.48 1.75
CA SER B 206 -4.17 -32.08 1.32
C SER B 206 -4.26 -31.91 -0.21
N PRO B 207 -4.60 -30.67 -0.67
CA PRO B 207 -4.53 -30.28 -2.07
C PRO B 207 -3.27 -30.75 -2.79
N VAL B 208 -2.12 -30.62 -2.13
CA VAL B 208 -0.83 -31.03 -2.69
C VAL B 208 -0.87 -32.51 -3.11
N GLU B 209 -1.27 -33.37 -2.18
CA GLU B 209 -1.39 -34.80 -2.44
C GLU B 209 -2.38 -35.09 -3.56
N MET B 210 -3.49 -34.34 -3.58
CA MET B 210 -4.49 -34.48 -4.63
C MET B 210 -3.90 -34.21 -6.01
N PHE B 211 -3.36 -33.02 -6.19
CA PHE B 211 -2.80 -32.61 -7.48
C PHE B 211 -1.57 -33.44 -7.89
N ALA B 212 -0.87 -33.97 -6.89
CA ALA B 212 0.29 -34.85 -7.14
C ALA B 212 -0.13 -36.18 -7.75
N ALA B 213 -1.39 -36.57 -7.50
CA ALA B 213 -1.93 -37.82 -8.02
C ALA B 213 -2.46 -37.64 -9.43
N ILE B 214 -2.66 -36.38 -9.81
CA ILE B 214 -3.12 -36.07 -11.15
C ILE B 214 -1.93 -35.79 -12.05
N ALA B 215 -1.98 -36.32 -13.26
CA ALA B 215 -0.93 -36.09 -14.26
C ALA B 215 -0.75 -34.59 -14.51
N ALA B 216 0.49 -34.19 -14.76
CA ALA B 216 0.81 -32.77 -14.95
C ALA B 216 0.09 -32.17 -16.16
N GLU B 217 -0.07 -32.97 -17.21
CA GLU B 217 -0.78 -32.53 -18.43
C GLU B 217 -2.28 -32.33 -18.18
N ASP B 218 -2.77 -32.89 -17.06
CA ASP B 218 -4.20 -32.94 -16.79
C ASP B 218 -4.63 -32.09 -15.59
N ARG B 219 -3.67 -31.42 -14.96
CA ARG B 219 -3.92 -30.71 -13.69
C ARG B 219 -4.89 -29.53 -13.81
N TYR B 220 -4.69 -28.71 -14.84
CA TYR B 220 -5.56 -27.54 -15.10
C TYR B 220 -7.01 -27.97 -15.29
N ARG B 221 -7.22 -28.98 -16.14
CA ARG B 221 -8.57 -29.48 -16.41
C ARG B 221 -9.19 -30.07 -15.15
N PHE B 222 -8.40 -30.83 -14.41
CA PHE B 222 -8.87 -31.40 -13.13
C PHE B 222 -9.26 -30.30 -12.15
N ASP B 223 -8.45 -29.26 -12.08
CA ASP B 223 -8.69 -28.16 -11.16
C ASP B 223 -10.05 -27.50 -11.41
N LEU B 224 -10.36 -27.30 -12.68
CA LEU B 224 -11.65 -26.71 -13.06
C LEU B 224 -12.82 -27.68 -12.85
N GLU B 225 -12.62 -28.94 -13.26
CA GLU B 225 -13.71 -29.93 -13.22
C GLU B 225 -13.98 -30.51 -11.83
N SER B 226 -13.05 -30.29 -10.91
CA SER B 226 -13.24 -30.71 -9.52
C SER B 226 -14.31 -29.87 -8.85
N LYS B 227 -14.50 -28.65 -9.35
CA LYS B 227 -15.37 -27.66 -8.71
C LYS B 227 -16.84 -28.02 -8.79
N ALA B 228 -17.17 -28.96 -9.68
CA ALA B 228 -18.53 -29.50 -9.76
C ALA B 228 -18.92 -30.19 -8.45
N TYR B 229 -17.94 -30.83 -7.82
CA TYR B 229 -18.17 -31.51 -6.55
C TYR B 229 -18.28 -30.52 -5.40
N ALA B 230 -17.60 -29.39 -5.54
CA ALA B 230 -17.72 -28.30 -4.58
C ALA B 230 -19.08 -27.62 -4.73
N PHE B 231 -19.53 -27.46 -5.97
CA PHE B 231 -20.83 -26.86 -6.26
C PHE B 231 -21.97 -27.74 -5.79
N ALA B 232 -21.82 -29.04 -5.97
CA ALA B 232 -22.83 -30.02 -5.53
C ALA B 232 -22.91 -30.06 -4.02
N LEU B 233 -21.77 -29.89 -3.35
CA LEU B 233 -21.71 -29.87 -1.90
C LEU B 233 -22.49 -28.69 -1.33
N ALA B 234 -22.25 -27.50 -1.87
CA ALA B 234 -22.88 -26.27 -1.37
C ALA B 234 -24.38 -26.23 -1.70
N GLY B 235 -24.77 -26.93 -2.76
CA GLY B 235 -26.17 -27.05 -3.14
C GLY B 235 -26.93 -27.97 -2.21
N GLN B 236 -26.23 -28.98 -1.68
CA GLN B 236 -26.82 -29.90 -0.70
C GLN B 236 -26.86 -29.27 0.70
N LEU B 237 -26.08 -28.22 0.88
CA LEU B 237 -26.01 -27.53 2.16
C LEU B 237 -26.94 -26.33 2.20
N PRO B 238 -27.32 -25.88 3.41
CA PRO B 238 -28.02 -24.60 3.60
C PRO B 238 -27.21 -23.40 3.06
N LEU B 239 -27.35 -23.13 1.77
CA LEU B 239 -26.72 -21.97 1.14
C LEU B 239 -27.50 -20.67 1.47
N GLY B 240 -27.82 -20.49 2.74
CA GLY B 240 -28.73 -19.43 3.18
C GLY B 240 -28.20 -18.03 2.91
N LYS B 241 -28.28 -17.61 1.65
CA LYS B 241 -27.73 -16.33 1.20
C LYS B 241 -26.29 -16.12 1.68
N HIS B 242 -25.48 -17.18 1.55
CA HIS B 242 -24.05 -17.09 1.80
C HIS B 242 -23.30 -17.26 0.50
N GLN B 243 -22.06 -16.77 0.46
CA GLN B 243 -21.23 -16.85 -0.73
C GLN B 243 -20.38 -18.11 -0.70
N LEU B 244 -20.09 -18.66 -1.87
CA LEU B 244 -19.16 -19.77 -1.97
C LEU B 244 -17.87 -19.35 -2.65
N ALA B 245 -16.76 -19.47 -1.94
CA ALA B 245 -15.45 -19.21 -2.51
C ALA B 245 -14.77 -20.50 -2.96
N ILE B 246 -14.17 -20.48 -4.15
CA ILE B 246 -13.42 -21.62 -4.66
C ILE B 246 -12.07 -21.17 -5.24
N ASN B 247 -11.06 -22.02 -5.13
CA ASN B 247 -9.69 -21.69 -5.55
C ASN B 247 -9.38 -22.23 -6.94
N LEU B 248 -8.93 -21.35 -7.83
CA LEU B 248 -8.51 -21.77 -9.15
C LEU B 248 -7.17 -21.17 -9.53
N LEU B 249 -6.33 -21.98 -10.18
CA LEU B 249 -5.14 -21.47 -10.83
C LEU B 249 -5.55 -20.66 -12.06
N PRO B 250 -4.77 -19.61 -12.37
CA PRO B 250 -4.96 -18.87 -13.63
C PRO B 250 -5.03 -19.79 -14.84
N GLY B 251 -4.08 -20.73 -14.93
CA GLY B 251 -4.01 -21.67 -16.05
C GLY B 251 -5.25 -22.52 -16.22
N SER B 252 -5.87 -22.88 -15.10
CA SER B 252 -7.12 -23.67 -15.11
C SER B 252 -8.26 -22.95 -15.80
N LEU B 253 -8.26 -21.62 -15.73
CA LEU B 253 -9.27 -20.80 -16.40
C LEU B 253 -8.82 -20.43 -17.81
N TYR B 254 -7.51 -20.23 -17.96
CA TYR B 254 -6.95 -19.72 -19.19
C TYR B 254 -6.88 -20.80 -20.29
N HIS B 255 -6.46 -22.01 -19.91
CA HIS B 255 -6.18 -23.07 -20.88
C HIS B 255 -7.38 -23.98 -21.15
N HIS B 256 -8.57 -23.52 -20.79
CA HIS B 256 -9.81 -24.21 -21.12
C HIS B 256 -10.48 -23.51 -22.30
N PRO B 257 -11.15 -24.28 -23.19
CA PRO B 257 -11.95 -23.69 -24.29
C PRO B 257 -12.85 -22.54 -23.81
N ASP B 258 -13.74 -22.84 -22.87
CA ASP B 258 -14.58 -21.80 -22.26
C ASP B 258 -14.84 -22.13 -20.78
N ALA B 259 -13.86 -21.81 -19.93
CA ALA B 259 -13.93 -22.14 -18.51
C ALA B 259 -15.10 -21.46 -17.80
N VAL B 260 -15.32 -20.18 -18.12
CA VAL B 260 -16.39 -19.40 -17.51
C VAL B 260 -17.74 -20.02 -17.82
N GLY B 261 -17.94 -20.39 -19.09
CA GLY B 261 -19.14 -21.10 -19.51
C GLY B 261 -19.31 -22.42 -18.79
N TRP B 262 -18.23 -23.17 -18.63
CA TRP B 262 -18.28 -24.45 -17.93
C TRP B 262 -18.68 -24.26 -16.48
N LEU B 263 -18.06 -23.29 -15.81
CA LEU B 263 -18.40 -22.95 -14.43
C LEU B 263 -19.83 -22.48 -14.33
N MET B 264 -20.26 -21.71 -15.33
CA MET B 264 -21.64 -21.23 -15.39
C MET B 264 -22.61 -22.40 -15.48
N ASP B 265 -22.31 -23.36 -16.36
CA ASP B 265 -23.15 -24.55 -16.52
C ASP B 265 -23.18 -25.40 -15.25
N SER B 266 -22.05 -25.48 -14.56
CA SER B 266 -21.92 -26.36 -13.41
C SER B 266 -22.56 -25.79 -12.14
N LEU B 267 -22.46 -24.48 -11.95
CA LEU B 267 -23.02 -23.84 -10.76
C LEU B 267 -24.53 -23.63 -10.88
N LEU B 268 -25.01 -23.41 -12.11
CA LEU B 268 -26.44 -23.25 -12.34
C LEU B 268 -27.17 -24.56 -12.16
N ALA B 269 -26.53 -25.65 -12.60
CA ALA B 269 -27.10 -27.00 -12.45
C ALA B 269 -27.22 -27.42 -10.99
N ALA B 270 -26.38 -26.84 -10.13
CA ALA B 270 -26.31 -27.23 -8.73
C ALA B 270 -27.19 -26.35 -7.82
N GLY B 271 -28.03 -25.52 -8.43
CA GLY B 271 -28.96 -24.68 -7.68
C GLY B 271 -28.27 -23.48 -7.04
N LEU B 272 -27.35 -22.86 -7.79
CA LEU B 272 -26.63 -21.68 -7.31
C LEU B 272 -26.83 -20.50 -8.26
N ARG B 273 -26.66 -19.30 -7.72
CA ARG B 273 -26.65 -18.07 -8.52
C ARG B 273 -25.20 -17.72 -8.87
N PRO B 274 -24.97 -17.15 -10.08
CA PRO B 274 -23.65 -16.64 -10.49
C PRO B 274 -22.99 -15.75 -9.45
N ASP B 275 -23.79 -14.89 -8.81
CA ASP B 275 -23.26 -13.92 -7.86
C ASP B 275 -22.92 -14.54 -6.50
N GLN B 276 -23.35 -15.77 -6.29
CA GLN B 276 -23.02 -16.49 -5.06
C GLN B 276 -21.62 -17.10 -5.15
N VAL B 277 -21.09 -17.17 -6.36
CA VAL B 277 -19.81 -17.83 -6.57
C VAL B 277 -18.69 -16.81 -6.74
N LEU B 278 -17.64 -16.98 -5.94
CA LEU B 278 -16.47 -16.15 -6.03
C LEU B 278 -15.23 -16.98 -6.32
N ILE B 279 -14.47 -16.56 -7.32
CA ILE B 279 -13.24 -17.25 -7.69
C ILE B 279 -12.04 -16.62 -7.00
N GLU B 280 -11.26 -17.45 -6.32
CA GLU B 280 -10.02 -17.00 -5.71
C GLU B 280 -8.82 -17.34 -6.57
N VAL B 281 -8.04 -16.33 -6.92
CA VAL B 281 -6.76 -16.52 -7.60
C VAL B 281 -5.61 -15.95 -6.78
N THR B 282 -4.52 -16.70 -6.67
CA THR B 282 -3.36 -16.29 -5.86
C THR B 282 -2.64 -15.09 -6.47
N GLU B 283 -2.21 -14.18 -5.60
CA GLU B 283 -1.67 -12.87 -6.01
C GLU B 283 -0.45 -12.99 -6.92
N THR B 284 0.49 -13.86 -6.54
CA THR B 284 1.75 -14.00 -7.27
C THR B 284 1.54 -14.52 -8.68
N GLU B 285 0.58 -15.43 -8.83
CA GLU B 285 0.39 -16.12 -10.09
C GLU B 285 -0.45 -15.31 -11.07
N VAL B 286 -0.92 -14.15 -10.62
CA VAL B 286 -1.75 -13.28 -11.46
C VAL B 286 -0.93 -12.14 -12.08
N ILE B 287 0.02 -11.61 -11.31
CA ILE B 287 0.78 -10.43 -11.72
C ILE B 287 1.66 -10.67 -12.97
N THR B 288 2.31 -11.83 -13.02
CA THR B 288 3.10 -12.23 -14.19
C THR B 288 2.28 -13.12 -15.12
N CYS B 289 1.09 -12.64 -15.47
CA CYS B 289 0.11 -13.43 -16.19
C CYS B 289 -1.01 -12.51 -16.69
N PHE B 290 -1.06 -11.31 -16.14
CA PHE B 290 -2.25 -10.45 -16.20
C PHE B 290 -2.79 -10.19 -17.61
N ASP B 291 -1.97 -9.61 -18.48
CA ASP B 291 -2.43 -9.18 -19.82
C ASP B 291 -3.06 -10.33 -20.62
N GLN B 292 -2.52 -11.53 -20.44
CA GLN B 292 -3.05 -12.74 -21.08
C GLN B 292 -4.34 -13.20 -20.39
N PHE B 293 -4.46 -12.83 -19.12
CA PHE B 293 -5.51 -13.35 -18.25
C PHE B 293 -6.74 -12.43 -18.27
N ARG B 294 -6.62 -11.28 -18.94
CA ARG B 294 -7.64 -10.23 -18.91
C ARG B 294 -9.00 -10.70 -19.42
N LYS B 295 -8.98 -11.46 -20.52
CA LYS B 295 -10.20 -11.88 -21.21
C LYS B 295 -11.06 -12.79 -20.32
N VAL B 296 -10.39 -13.54 -19.43
CA VAL B 296 -11.07 -14.44 -18.52
C VAL B 296 -11.70 -13.67 -17.36
N LEU B 297 -10.98 -12.68 -16.85
CA LEU B 297 -11.49 -11.83 -15.77
C LEU B 297 -12.71 -11.06 -16.25
N LYS B 298 -12.67 -10.60 -17.49
CA LYS B 298 -13.77 -9.89 -18.11
C LYS B 298 -15.00 -10.77 -18.21
N ALA B 299 -14.81 -12.00 -18.67
CA ALA B 299 -15.92 -12.93 -18.88
C ALA B 299 -16.58 -13.31 -17.56
N LEU B 300 -15.79 -13.42 -16.50
CA LEU B 300 -16.31 -13.73 -15.16
C LEU B 300 -17.18 -12.60 -14.62
N ARG B 301 -16.77 -11.36 -14.88
CA ARG B 301 -17.56 -10.18 -14.50
C ARG B 301 -18.93 -10.22 -15.17
N VAL B 302 -18.93 -10.34 -16.50
CA VAL B 302 -20.16 -10.38 -17.29
C VAL B 302 -21.06 -11.54 -16.87
N ALA B 303 -20.45 -12.69 -16.59
CA ALA B 303 -21.19 -13.87 -16.13
C ALA B 303 -21.92 -13.59 -14.81
N GLY B 304 -21.27 -12.83 -13.94
CA GLY B 304 -21.86 -12.46 -12.66
C GLY B 304 -21.10 -12.97 -11.46
N MET B 305 -20.07 -13.77 -11.72
CA MET B 305 -19.23 -14.31 -10.65
C MET B 305 -18.30 -13.24 -10.09
N LYS B 306 -17.93 -13.41 -8.83
CA LYS B 306 -17.06 -12.45 -8.15
C LYS B 306 -15.62 -12.94 -8.16
N LEU B 307 -14.68 -12.01 -7.96
CA LEU B 307 -13.26 -12.36 -7.99
C LEU B 307 -12.51 -11.87 -6.77
N ALA B 308 -11.70 -12.76 -6.20
CA ALA B 308 -10.85 -12.42 -5.06
C ALA B 308 -9.37 -12.62 -5.39
N ILE B 309 -8.54 -11.70 -4.90
CA ILE B 309 -7.11 -11.93 -4.90
C ILE B 309 -6.73 -12.68 -3.62
N ASP B 310 -6.45 -13.97 -3.78
CA ASP B 310 -6.05 -14.81 -2.67
C ASP B 310 -4.60 -14.56 -2.32
N ASP B 311 -4.28 -14.65 -1.03
CA ASP B 311 -2.91 -14.53 -0.53
C ASP B 311 -2.25 -13.21 -0.93
N PHE B 312 -2.95 -12.10 -0.66
CA PHE B 312 -2.41 -10.78 -0.89
C PHE B 312 -1.33 -10.46 0.14
N GLY B 313 -0.16 -10.07 -0.34
CA GLY B 313 0.98 -9.85 0.55
C GLY B 313 1.99 -10.97 0.46
N ALA B 314 1.53 -12.18 0.17
CA ALA B 314 2.43 -13.33 -0.01
C ALA B 314 3.34 -13.11 -1.20
N GLY B 315 4.61 -13.47 -1.05
CA GLY B 315 5.57 -13.41 -2.14
C GLY B 315 5.90 -12.00 -2.58
N TYR B 316 5.82 -11.75 -3.89
CA TYR B 316 6.30 -10.50 -4.48
C TYR B 316 5.22 -9.76 -5.27
N SER B 317 4.22 -9.23 -4.55
CA SER B 317 3.16 -8.42 -5.17
C SER B 317 2.47 -7.52 -4.14
N GLY B 318 1.71 -6.53 -4.63
CA GLY B 318 1.04 -5.57 -3.74
C GLY B 318 -0.01 -4.71 -4.43
N LEU B 319 -0.12 -3.45 -3.97
CA LEU B 319 -1.20 -2.55 -4.41
C LEU B 319 -1.03 -2.07 -5.85
N SER B 320 0.17 -2.25 -6.40
CA SER B 320 0.48 -1.86 -7.78
C SER B 320 -0.36 -2.67 -8.77
N LEU B 321 -0.76 -3.87 -8.36
CA LEU B 321 -1.71 -4.69 -9.09
C LEU B 321 -3.07 -4.00 -9.24
N LEU B 322 -3.48 -3.27 -8.20
CA LEU B 322 -4.81 -2.64 -8.17
C LEU B 322 -4.94 -1.48 -9.15
N THR B 323 -3.81 -1.04 -9.69
CA THR B 323 -3.81 -0.05 -10.76
C THR B 323 -4.39 -0.66 -12.04
N ARG B 324 -4.03 -1.91 -12.31
CA ARG B 324 -4.45 -2.60 -13.51
C ARG B 324 -5.95 -2.88 -13.49
N PHE B 325 -6.33 -3.93 -12.77
CA PHE B 325 -7.73 -4.26 -12.57
C PHE B 325 -8.06 -4.25 -11.09
N GLN B 326 -9.36 -4.22 -10.77
CA GLN B 326 -9.79 -4.20 -9.38
C GLN B 326 -10.66 -5.39 -9.06
N PRO B 327 -10.21 -6.24 -8.11
CA PRO B 327 -10.98 -7.39 -7.66
C PRO B 327 -12.13 -6.98 -6.77
N ASP B 328 -13.05 -7.90 -6.52
CA ASP B 328 -14.17 -7.65 -5.62
C ASP B 328 -13.75 -7.84 -4.17
N LYS B 329 -12.75 -8.70 -3.96
CA LYS B 329 -12.30 -9.04 -2.62
C LYS B 329 -10.80 -9.23 -2.58
N ILE B 330 -10.21 -8.88 -1.45
CA ILE B 330 -8.79 -9.11 -1.23
C ILE B 330 -8.57 -9.90 0.06
N LYS B 331 -7.82 -11.00 -0.05
CA LYS B 331 -7.49 -11.80 1.12
C LYS B 331 -6.04 -11.57 1.53
N VAL B 332 -5.86 -10.86 2.63
CA VAL B 332 -4.53 -10.64 3.18
C VAL B 332 -3.92 -11.96 3.67
N ASP B 333 -2.74 -12.28 3.13
CA ASP B 333 -2.08 -13.55 3.40
C ASP B 333 -1.72 -13.69 4.88
N ALA B 334 -1.57 -14.93 5.32
CA ALA B 334 -1.23 -15.23 6.72
C ALA B 334 0.14 -14.69 7.13
N GLU B 335 1.05 -14.58 6.15
CA GLU B 335 2.38 -14.04 6.39
C GLU B 335 2.34 -12.62 6.99
N LEU B 336 1.34 -11.85 6.58
CA LEU B 336 1.15 -10.51 7.12
C LEU B 336 0.38 -10.51 8.44
N VAL B 337 -0.49 -11.49 8.59
CA VAL B 337 -1.26 -11.64 9.83
C VAL B 337 -0.39 -12.22 10.96
N ARG B 338 0.59 -13.05 10.58
CA ARG B 338 1.54 -13.62 11.55
C ARG B 338 2.22 -12.55 12.39
N ASP B 339 2.06 -12.66 13.71
CA ASP B 339 2.75 -11.79 14.66
C ASP B 339 2.60 -10.31 14.31
N ILE B 340 1.39 -9.93 13.93
CA ILE B 340 1.06 -8.54 13.63
C ILE B 340 1.02 -7.72 14.92
N HIS B 341 0.90 -8.41 16.05
CA HIS B 341 0.78 -7.76 17.35
C HIS B 341 2.10 -7.17 17.84
N ILE B 342 3.21 -7.67 17.30
CA ILE B 342 4.54 -7.19 17.69
C ILE B 342 5.26 -6.46 16.55
N SER B 343 4.66 -6.44 15.37
CA SER B 343 5.30 -5.88 14.19
C SER B 343 4.61 -4.61 13.70
N GLY B 344 5.29 -3.47 13.89
CA GLY B 344 4.77 -2.18 13.46
C GLY B 344 4.80 -2.04 11.96
N THR B 345 5.70 -2.77 11.33
CA THR B 345 5.81 -2.81 9.89
C THR B 345 4.57 -3.45 9.27
N LYS B 346 4.18 -4.60 9.81
CA LYS B 346 2.98 -5.30 9.35
C LYS B 346 1.73 -4.49 9.69
N GLN B 347 1.72 -3.89 10.87
CA GLN B 347 0.64 -3.02 11.29
C GLN B 347 0.40 -1.91 10.26
N ALA B 348 1.47 -1.23 9.88
CA ALA B 348 1.40 -0.14 8.91
C ALA B 348 0.97 -0.63 7.52
N ILE B 349 1.55 -1.76 7.09
CA ILE B 349 1.21 -2.35 5.79
C ILE B 349 -0.27 -2.72 5.72
N VAL B 350 -0.76 -3.43 6.74
CA VAL B 350 -2.13 -3.92 6.75
C VAL B 350 -3.14 -2.78 6.88
N ALA B 351 -2.85 -1.83 7.78
CA ALA B 351 -3.71 -0.65 7.95
C ALA B 351 -3.85 0.11 6.64
N SER B 352 -2.78 0.11 5.85
CA SER B 352 -2.76 0.83 4.60
C SER B 352 -3.63 0.14 3.55
N VAL B 353 -3.49 -1.19 3.48
CA VAL B 353 -4.28 -2.00 2.54
C VAL B 353 -5.76 -1.91 2.85
N VAL B 354 -6.10 -1.96 4.14
CA VAL B 354 -7.49 -1.82 4.58
C VAL B 354 -8.09 -0.49 4.11
N ARG B 355 -7.34 0.59 4.32
CA ARG B 355 -7.78 1.92 3.93
C ARG B 355 -7.90 2.03 2.41
N CYS B 356 -6.92 1.46 1.71
CA CYS B 356 -6.89 1.48 0.25
C CYS B 356 -8.11 0.79 -0.33
N CYS B 357 -8.45 -0.36 0.20
CA CYS B 357 -9.56 -1.16 -0.30
C CYS B 357 -10.91 -0.54 0.02
N GLU B 358 -10.97 0.19 1.13
CA GLU B 358 -12.16 0.96 1.48
C GLU B 358 -12.41 2.05 0.43
N ASP B 359 -11.34 2.73 0.02
CA ASP B 359 -11.44 3.78 -1.01
C ASP B 359 -11.76 3.19 -2.39
N LEU B 360 -11.48 1.91 -2.58
CA LEU B 360 -11.68 1.27 -3.87
C LEU B 360 -12.94 0.41 -3.89
N GLY B 361 -13.57 0.24 -2.73
CA GLY B 361 -14.80 -0.53 -2.62
C GLY B 361 -14.52 -2.02 -2.64
N ILE B 362 -13.32 -2.39 -2.22
CA ILE B 362 -12.87 -3.78 -2.24
C ILE B 362 -12.99 -4.39 -0.86
N THR B 363 -13.64 -5.55 -0.79
CA THR B 363 -13.77 -6.27 0.45
C THR B 363 -12.41 -6.85 0.88
N VAL B 364 -12.16 -6.88 2.19
CA VAL B 364 -10.90 -7.39 2.71
C VAL B 364 -11.15 -8.49 3.73
N VAL B 365 -10.48 -9.62 3.53
CA VAL B 365 -10.47 -10.69 4.52
C VAL B 365 -9.06 -10.90 5.02
N ALA B 366 -8.90 -10.96 6.34
CA ALA B 366 -7.66 -11.41 6.93
C ALA B 366 -7.76 -12.91 7.14
N GLU B 367 -6.78 -13.64 6.62
CA GLU B 367 -6.81 -15.08 6.71
C GLU B 367 -5.64 -15.66 7.50
N GLY B 368 -5.81 -16.89 7.98
CA GLY B 368 -4.82 -17.51 8.85
C GLY B 368 -4.82 -16.92 10.25
N VAL B 369 -5.98 -16.45 10.70
CA VAL B 369 -6.10 -15.85 12.03
C VAL B 369 -6.16 -16.94 13.10
N GLU B 370 -5.16 -16.97 13.98
CA GLU B 370 -4.98 -18.07 14.91
C GLU B 370 -5.18 -17.69 16.37
N THR B 371 -4.81 -16.47 16.71
CA THR B 371 -4.86 -16.02 18.11
C THR B 371 -5.83 -14.85 18.28
N LEU B 372 -6.41 -14.74 19.48
CA LEU B 372 -7.21 -13.57 19.85
C LEU B 372 -6.43 -12.27 19.65
N GLU B 373 -5.11 -12.34 19.87
CA GLU B 373 -4.21 -11.22 19.68
C GLU B 373 -4.27 -10.68 18.25
N GLU B 374 -4.18 -11.59 17.29
CA GLU B 374 -4.22 -11.21 15.88
C GLU B 374 -5.56 -10.59 15.52
N TRP B 375 -6.64 -11.21 15.95
CA TRP B 375 -7.97 -10.68 15.70
C TRP B 375 -8.12 -9.26 16.25
N CYS B 376 -7.62 -9.04 17.45
CA CYS B 376 -7.68 -7.75 18.10
C CYS B 376 -6.95 -6.66 17.31
N TRP B 377 -5.69 -6.93 16.96
CA TRP B 377 -4.87 -5.93 16.25
C TRP B 377 -5.36 -5.68 14.84
N LEU B 378 -5.87 -6.73 14.18
CA LEU B 378 -6.39 -6.61 12.83
C LEU B 378 -7.67 -5.81 12.81
N GLN B 379 -8.52 -6.05 13.79
CA GLN B 379 -9.79 -5.33 13.90
C GLN B 379 -9.54 -3.85 14.16
N SER B 380 -8.47 -3.55 14.91
CA SER B 380 -8.16 -2.19 15.30
C SER B 380 -7.69 -1.37 14.12
N VAL B 381 -7.07 -2.03 13.15
CA VAL B 381 -6.59 -1.37 11.94
C VAL B 381 -7.62 -1.45 10.79
N GLY B 382 -8.79 -2.00 11.09
CA GLY B 382 -9.96 -1.85 10.20
C GLY B 382 -10.44 -3.11 9.48
N ILE B 383 -9.90 -4.27 9.85
CA ILE B 383 -10.38 -5.54 9.30
C ILE B 383 -11.68 -5.96 9.98
N ARG B 384 -12.68 -6.32 9.19
CA ARG B 384 -13.96 -6.75 9.75
C ARG B 384 -14.29 -8.21 9.41
N LEU B 385 -13.61 -8.75 8.41
CA LEU B 385 -13.88 -10.10 7.95
C LEU B 385 -12.67 -11.01 8.17
N PHE B 386 -12.93 -12.19 8.72
CA PHE B 386 -11.86 -13.03 9.22
C PHE B 386 -12.00 -14.48 8.76
N GLN B 387 -10.87 -15.15 8.61
CA GLN B 387 -10.85 -16.57 8.32
C GLN B 387 -9.64 -17.21 9.00
N GLY B 388 -9.88 -18.21 9.85
CA GLY B 388 -8.77 -18.87 10.53
C GLY B 388 -9.19 -19.89 11.57
N PHE B 389 -8.20 -20.60 12.11
CA PHE B 389 -8.44 -21.69 13.06
C PHE B 389 -9.02 -21.20 14.38
N LEU B 390 -8.87 -19.91 14.65
CA LEU B 390 -9.48 -19.29 15.83
C LEU B 390 -11.00 -19.40 15.78
N PHE B 391 -11.56 -19.26 14.58
CA PHE B 391 -13.00 -19.24 14.41
C PHE B 391 -13.53 -20.58 13.93
N SER B 392 -13.01 -21.04 12.80
CA SER B 392 -13.54 -22.23 12.15
C SER B 392 -12.44 -22.95 11.41
N ARG B 393 -12.31 -24.24 11.67
CA ARG B 393 -11.39 -25.07 10.92
C ARG B 393 -12.07 -25.63 9.68
N PRO B 394 -11.28 -26.04 8.68
CA PRO B 394 -11.81 -26.73 7.52
C PRO B 394 -12.58 -27.99 7.93
N CYS B 395 -13.78 -28.14 7.38
CA CYS B 395 -14.65 -29.24 7.73
C CYS B 395 -15.00 -30.06 6.49
N LEU B 396 -14.57 -31.32 6.49
CA LEU B 396 -14.74 -32.19 5.33
C LEU B 396 -16.22 -32.45 5.02
N ASN B 397 -16.65 -32.01 3.84
CA ASN B 397 -18.00 -32.27 3.34
C ASN B 397 -19.15 -31.66 4.16
N GLY B 398 -18.84 -30.66 4.99
CA GLY B 398 -19.86 -30.03 5.81
C GLY B 398 -19.48 -28.68 6.39
N ILE B 399 -20.39 -28.12 7.19
CA ILE B 399 -20.15 -26.87 7.88
C ILE B 399 -19.68 -27.14 9.31
N GLY B 400 -18.50 -26.61 9.65
CA GLY B 400 -17.91 -26.83 10.98
C GLY B 400 -18.48 -25.92 12.04
N GLU B 401 -18.10 -26.18 13.29
CA GLU B 401 -18.51 -25.31 14.41
C GLU B 401 -17.70 -24.02 14.41
N ILE B 402 -18.39 -22.89 14.45
CA ILE B 402 -17.74 -21.59 14.47
C ILE B 402 -17.68 -21.02 15.89
N CYS B 403 -16.46 -20.72 16.34
CA CYS B 403 -16.25 -20.12 17.67
C CYS B 403 -16.25 -18.61 17.60
N TRP B 404 -16.92 -17.98 18.56
CA TRP B 404 -17.02 -16.51 18.61
C TRP B 404 -16.31 -15.95 19.84
N PRO B 405 -15.65 -14.80 19.68
CA PRO B 405 -15.06 -14.11 20.82
C PRO B 405 -16.07 -13.25 21.56
N VAL B 406 -16.15 -13.43 22.89
CA VAL B 406 -16.98 -12.56 23.73
C VAL B 406 -16.22 -12.09 24.97
N ALA B 407 -16.91 -11.35 25.84
CA ALA B 407 -16.28 -10.58 26.94
C ALA B 407 -15.50 -11.43 27.96
N ARG B 408 -14.63 -10.75 28.72
CA ARG B 408 -13.70 -11.40 29.68
C ARG B 408 -13.19 -12.78 29.29
P1 C2E C . 14.86 6.83 -13.61
O2P C2E C . 16.15 7.02 -12.86
O1P C2E C . 14.04 5.79 -12.87
O5' C2E C . 14.05 8.22 -13.62
C5' C2E C . 14.65 9.40 -14.17
C4' C2E C . 14.20 9.58 -15.61
O4' C2E C . 12.91 10.18 -15.64
C3' C2E C . 15.08 10.56 -16.35
O3' C2E C . 15.16 10.13 -17.71
C2' C2E C . 14.30 11.82 -16.32
O2' C2E C . 14.61 12.59 -17.36
C1' C2E C . 13.02 11.43 -16.38
N9 C2E C . 12.14 12.37 -15.90
C8 C2E C . 12.35 13.08 -14.85
N7 C2E C . 11.33 13.85 -14.69
C5 C2E C . 10.42 13.65 -15.67
C6 C2E C . 9.17 14.18 -16.00
O6 C2E C . 8.64 15.07 -15.30
N1 C2E C . 8.54 13.71 -17.09
C2 C2E C . 9.10 12.74 -17.87
N2 C2E C . 8.42 12.30 -18.95
N3 C2E C . 10.31 12.21 -17.56
C4 C2E C . 10.97 12.65 -16.48
P11 C2E C . 16.59 9.46 -18.06
O21 C2E C . 16.91 9.70 -19.60
O11 C2E C . 17.77 10.15 -17.24
O5A C2E C . 16.68 7.98 -17.45
C5A C2E C . 16.31 6.80 -18.15
C4A C2E C . 16.53 5.80 -17.01
O4A C2E C . 17.86 5.25 -17.07
C3A C2E C . 16.41 6.39 -15.61
O3A C2E C . 15.07 6.28 -15.12
C2A C2E C . 17.37 5.53 -14.84
O2A C2E C . 16.80 4.35 -14.63
C1A C2E C . 18.33 5.36 -15.72
N91 C2E C . 19.63 5.63 -15.39
C81 C2E C . 20.06 6.89 -15.31
N71 C2E C . 21.34 6.80 -14.90
C51 C2E C . 21.63 5.48 -14.69
C61 C2E C . 22.78 4.84 -14.27
O61 C2E C . 23.80 5.49 -13.98
N11 C2E C . 22.77 3.49 -14.15
C21 C2E C . 21.66 2.77 -14.45
N21 C2E C . 21.70 1.42 -14.33
N31 C2E C . 20.53 3.38 -14.87
C41 C2E C . 20.51 4.74 -14.99
MN MN D . 16.23 6.88 -10.58
MN MN E . 12.51 6.69 -11.32
N1 FMN F . -26.58 14.71 -18.59
C2 FMN F . -27.24 13.58 -18.99
O2 FMN F . -27.71 13.52 -20.14
N3 FMN F . -27.38 12.51 -18.13
C4 FMN F . -26.86 12.58 -16.86
O4 FMN F . -26.91 11.60 -16.13
C4A FMN F . -26.19 13.73 -16.45
N5 FMN F . -25.66 13.81 -15.18
C5A FMN F . -25.00 14.95 -14.77
C6 FMN F . -24.48 15.02 -13.48
C7 FMN F . -23.81 16.16 -13.06
C7M FMN F . -23.43 16.29 -11.61
C8 FMN F . -23.66 17.24 -13.93
C8M FMN F . -23.21 18.57 -13.39
C9 FMN F . -24.19 17.17 -15.21
C9A FMN F . -24.87 16.03 -15.65
N10 FMN F . -25.39 15.94 -16.92
C10 FMN F . -26.06 14.80 -17.32
C1' FMN F . -25.44 17.17 -17.81
C2' FMN F . -24.41 17.06 -18.93
O2' FMN F . -23.15 17.48 -18.46
C3' FMN F . -24.82 17.91 -20.13
O3' FMN F . -24.95 19.26 -19.74
C4' FMN F . -26.14 17.45 -20.76
O4' FMN F . -26.10 16.07 -21.03
C5' FMN F . -26.41 18.22 -22.04
O5' FMN F . -27.42 17.57 -22.77
P FMN F . -28.43 18.41 -23.71
O1P FMN F . -27.62 19.51 -24.40
O2P FMN F . -29.03 17.50 -24.75
O3P FMN F . -29.51 19.02 -22.88
P1 C2E G . -5.52 -20.92 0.53
O2P C2E G . -6.83 -21.22 -0.16
O1P C2E G . -5.11 -19.51 0.23
O5' C2E G . -5.70 -21.02 2.12
C5' C2E G . -6.39 -22.10 2.72
C4' C2E G . -5.39 -23.00 3.39
O4' C2E G . -4.95 -22.40 4.60
C3' C2E G . -6.03 -24.30 3.81
O3' C2E G . -5.05 -25.33 3.80
C2' C2E G . -6.39 -24.02 5.24
O2' C2E G . -6.44 -25.17 5.91
C1' C2E G . -5.40 -23.24 5.70
N9 C2E G . -5.77 -22.46 6.75
C8 C2E G . -6.90 -21.87 6.87
N7 C2E G . -6.89 -21.22 7.97
C5 C2E G . -5.70 -21.37 8.61
C6 C2E G . -5.13 -20.91 9.79
O6 C2E G . -5.79 -20.17 10.54
N1 C2E G . -3.88 -21.29 10.10
C2 C2E G . -3.16 -22.10 9.29
N2 C2E G . -1.89 -22.46 9.62
N3 C2E G . -3.70 -22.56 8.12
C4 C2E G . -4.95 -22.20 7.78
P11 C2E G . -5.08 -26.20 2.44
O21 C2E G . -4.33 -27.59 2.68
O11 C2E G . -6.59 -26.53 2.03
O5A C2E G . -4.68 -25.35 1.11
C5A C2E G . -3.34 -25.00 0.74
C4A C2E G . -3.69 -24.22 -0.53
O4A C2E G . -4.12 -25.08 -1.60
C3A C2E G . -4.83 -23.22 -0.36
O3A C2E G . -4.33 -21.93 0.03
C2A C2E G . -5.46 -23.18 -1.71
O2A C2E G . -4.75 -22.35 -2.49
C1A C2E G . -5.29 -24.43 -2.13
N91 C2E G . -6.31 -25.09 -2.74
C81 C2E G . -7.29 -25.63 -2.02
N71 C2E G . -8.17 -26.12 -2.93
C51 C2E G . -7.71 -25.81 -4.18
C61 C2E G . -8.19 -26.06 -5.44
O61 C2E G . -9.27 -26.67 -5.58
N11 C2E G . -7.51 -25.62 -6.51
C21 C2E G . -6.35 -24.94 -6.37
N21 C2E G . -5.68 -24.52 -7.47
N31 C2E G . -5.84 -24.69 -5.14
C41 C2E G . -6.52 -25.11 -4.05
MN MN H . -8.01 -19.47 -1.12
MN MN I . -5.44 -17.83 1.07
N1 FMN J . 16.56 -1.21 31.06
C2 FMN J . 17.83 -0.89 30.60
O2 FMN J . 18.81 -1.44 31.08
N3 FMN J . 17.98 0.04 29.58
C4 FMN J . 16.87 0.66 29.03
O4 FMN J . 17.01 1.50 28.16
C4A FMN J . 15.60 0.34 29.50
N5 FMN J . 14.48 0.95 28.96
C5A FMN J . 13.22 0.62 29.42
C6 FMN J . 12.10 1.24 28.89
C7 FMN J . 10.84 0.91 29.35
C7M FMN J . 9.64 1.50 28.67
C8 FMN J . 10.69 -0.03 30.37
C8M FMN J . 9.33 -0.56 30.72
C9 FMN J . 11.81 -0.65 30.92
C9A FMN J . 13.07 -0.32 30.45
N10 FMN J . 14.19 -0.94 30.98
C10 FMN J . 15.45 -0.60 30.51
C1' FMN J . 14.05 -1.80 32.21
C2' FMN J . 14.20 -3.27 31.84
O2' FMN J . 12.97 -3.74 31.32
C3' FMN J . 14.59 -4.10 33.05
O3' FMN J . 13.70 -3.83 34.11
C4' FMN J . 16.01 -3.79 33.48
O4' FMN J . 16.90 -4.64 32.78
C5' FMN J . 16.21 -3.95 34.99
O5' FMN J . 16.72 -5.23 35.28
P FMN J . 17.89 -5.41 36.37
O1P FMN J . 17.34 -6.22 37.53
O2P FMN J . 19.06 -6.13 35.76
O3P FMN J . 18.33 -4.05 36.87
#